data_2J68
#
_entry.id   2J68
#
_cell.length_a   77.586
_cell.length_b   154.950
_cell.length_c   247.853
_cell.angle_alpha   90.00
_cell.angle_beta   90.00
_cell.angle_gamma   90.00
#
_symmetry.space_group_name_H-M   'I 2 2 2'
#
loop_
_entity.id
_entity.type
_entity.pdbx_description
1 polymer 'BACTERIAL DYNAMIN-LIKE PROTEIN'
2 non-polymer "GUANOSINE-5'-DIPHOSPHATE"
#
_entity_poly.entity_id   1
_entity_poly.type   'polypeptide(L)'
_entity_poly.pdbx_seq_one_letter_code
;MVNQVATDRFIQDLERVAQVRSEMSVCLNKLAETINKAELAGDSSSGKLSLERDIEDITIASKNLQQGVFRLLVLGDMKR
GKSTFLNALIGENLLPSDVNPCTAVLTVLRYGPEKKVTIHFNDGKSPQQLDFQNFKYKYTIDPAEAKKLEQEKKQAFPDV
DYAVVEYPLTLLQKGIEIVDSPGLNDTEARNELSLGYVNNCHAILFVMRASQPCTLGERRYLENYIKGRGLTVFFLVNAW
DQVRESLIDPDDVEELQASENRLRQVFNANLAEYCTVEGQNIYDERVFELSSIQALRRRLKNPQADLDGTGFPKFMDSLN
TFLTRERAIAELRQVRTLARLACNHTREAVARRIPLLEQDVNELKKRIDSVEPEFNKLTGIRDEFQKEIINTRDTQARTI
SESFRSYVLNLGNTFENDFLRYQPELNLFDFLSSGKREAFNAALQKAFEQYITDKSAAWTLTAEKDINAAFKELSRSASQ
YGASYNQITDQITEKLTGKDVKVHTTTTAEEDNSPGWAKWAMGLLSLSKGNLAGFALAGAGFDWKNILLNYFTVIGIGGI
ITAVTGILLGPIGFALLGLGVGFLQADQARRELVKTAKKELVKHLPQVAHEQSQVVYNAVKECFDSYEREVSKRINDDIV
SRKSELDNLVKQKQTREINRESEFNRLKNLQEDVIAQLQKIEAAYSNLLAYYSHH
;
_entity_poly.pdbx_strand_id   A
#
# COMPACT_ATOMS: atom_id res chain seq x y z
N VAL A 2 -9.33 37.92 -4.99
CA VAL A 2 -10.70 38.02 -4.43
C VAL A 2 -11.00 36.85 -3.49
N ASN A 3 -12.29 36.58 -3.27
CA ASN A 3 -12.73 35.49 -2.40
C ASN A 3 -12.25 34.15 -2.93
N GLN A 4 -11.10 33.69 -2.45
CA GLN A 4 -10.54 32.42 -2.89
C GLN A 4 -11.13 31.25 -2.12
N VAL A 5 -12.00 30.49 -2.76
CA VAL A 5 -12.63 29.35 -2.14
C VAL A 5 -11.58 28.24 -1.99
N ALA A 6 -11.76 27.39 -0.98
CA ALA A 6 -10.82 26.30 -0.72
C ALA A 6 -10.85 25.22 -1.80
N THR A 7 -11.91 25.20 -2.60
CA THR A 7 -11.99 24.22 -3.68
C THR A 7 -10.99 24.64 -4.76
N ASP A 8 -10.63 25.92 -4.75
CA ASP A 8 -9.67 26.50 -5.68
C ASP A 8 -8.28 26.18 -5.19
N ARG A 9 -8.07 26.43 -3.89
CA ARG A 9 -6.78 26.15 -3.26
C ARG A 9 -6.39 24.70 -3.54
N PHE A 10 -7.34 23.79 -3.42
CA PHE A 10 -7.06 22.38 -3.67
C PHE A 10 -6.60 22.24 -5.12
N ILE A 11 -7.42 22.64 -6.08
CA ILE A 11 -7.02 22.52 -7.49
C ILE A 11 -5.69 23.22 -7.75
N GLN A 12 -5.45 24.33 -7.07
CA GLN A 12 -4.19 25.05 -7.25
C GLN A 12 -3.03 24.18 -6.82
N ASP A 13 -2.88 24.00 -5.51
CA ASP A 13 -1.82 23.17 -4.94
C ASP A 13 -1.60 21.93 -5.81
N LEU A 14 -2.67 21.17 -6.06
CA LEU A 14 -2.57 19.98 -6.87
C LEU A 14 -1.83 20.25 -8.16
N GLU A 15 -2.25 21.31 -8.85
CA GLU A 15 -1.64 21.73 -10.12
C GLU A 15 -0.15 21.97 -9.90
N ARG A 16 0.14 22.82 -8.92
CA ARG A 16 1.51 23.14 -8.57
C ARG A 16 2.37 21.88 -8.46
N VAL A 17 1.96 20.97 -7.58
CA VAL A 17 2.68 19.71 -7.39
C VAL A 17 2.88 19.06 -8.75
N ALA A 18 1.77 18.88 -9.46
CA ALA A 18 1.82 18.25 -10.77
C ALA A 18 2.92 18.83 -11.65
N GLN A 19 3.28 20.09 -11.39
CA GLN A 19 4.32 20.73 -12.18
C GLN A 19 5.69 20.30 -11.66
N VAL A 20 5.90 20.43 -10.35
CA VAL A 20 7.18 20.00 -9.77
C VAL A 20 7.42 18.58 -10.24
N ARG A 21 6.40 17.75 -10.07
CA ARG A 21 6.48 16.36 -10.46
C ARG A 21 6.96 16.28 -11.91
N SER A 22 6.27 16.97 -12.79
CA SER A 22 6.63 16.95 -14.19
C SER A 22 8.05 17.46 -14.46
N GLU A 23 8.42 18.59 -13.88
CA GLU A 23 9.76 19.13 -14.11
C GLU A 23 10.85 18.17 -13.65
N MET A 24 10.64 17.50 -12.53
CA MET A 24 11.63 16.55 -12.08
C MET A 24 11.70 15.42 -13.10
N SER A 25 10.54 14.94 -13.53
CA SER A 25 10.53 13.86 -14.50
C SER A 25 11.44 14.21 -15.65
N VAL A 26 11.37 15.47 -16.07
CA VAL A 26 12.17 15.97 -17.18
C VAL A 26 13.65 15.83 -16.91
N CYS A 27 14.12 16.46 -15.83
CA CYS A 27 15.52 16.39 -15.48
C CYS A 27 15.98 14.94 -15.32
N LEU A 28 15.14 14.10 -14.72
CA LEU A 28 15.46 12.70 -14.52
C LEU A 28 15.81 12.02 -15.84
N ASN A 29 15.01 12.24 -16.88
CA ASN A 29 15.30 11.65 -18.16
C ASN A 29 16.61 12.21 -18.66
N LYS A 30 16.67 13.54 -18.72
CA LYS A 30 17.86 14.24 -19.16
C LYS A 30 19.06 13.64 -18.43
N LEU A 31 18.91 13.43 -17.13
CA LEU A 31 19.99 12.87 -16.35
C LEU A 31 20.32 11.47 -16.85
N ALA A 32 19.30 10.65 -17.08
CA ALA A 32 19.49 9.29 -17.57
C ALA A 32 20.13 9.29 -18.93
N GLU A 33 19.62 10.14 -19.83
CA GLU A 33 20.14 10.24 -21.20
C GLU A 33 21.61 10.63 -21.17
N THR A 34 21.98 11.49 -20.23
CA THR A 34 23.35 11.96 -20.10
C THR A 34 24.31 10.87 -19.62
N ILE A 35 23.94 10.13 -18.57
CA ILE A 35 24.80 9.06 -18.08
C ILE A 35 24.87 8.01 -19.17
N ASN A 36 23.78 7.86 -19.90
CA ASN A 36 23.73 6.85 -20.95
C ASN A 36 24.61 7.14 -22.16
N LYS A 37 24.52 8.34 -22.72
CA LYS A 37 25.33 8.65 -23.89
C LYS A 37 26.81 8.50 -23.57
N ALA A 38 27.20 9.03 -22.42
CA ALA A 38 28.58 8.96 -21.98
C ALA A 38 29.04 7.53 -21.81
N GLU A 39 28.15 6.68 -21.33
CA GLU A 39 28.50 5.29 -21.11
C GLU A 39 28.73 4.53 -22.43
N LEU A 40 27.96 4.86 -23.47
CA LEU A 40 28.13 4.21 -24.77
C LEU A 40 29.48 4.60 -25.36
N ALA A 41 29.85 5.88 -25.18
CA ALA A 41 31.11 6.40 -25.67
C ALA A 41 32.23 5.70 -24.91
N GLY A 42 31.85 5.07 -23.80
CA GLY A 42 32.81 4.37 -22.97
C GLY A 42 33.69 3.35 -23.66
N ASP A 43 33.09 2.38 -24.33
CA ASP A 43 33.90 1.35 -24.98
C ASP A 43 34.86 1.91 -26.01
N SER A 44 34.45 2.94 -26.72
CA SER A 44 35.33 3.53 -27.73
C SER A 44 36.36 4.48 -27.09
N SER A 45 36.30 4.62 -25.77
CA SER A 45 37.21 5.49 -25.04
C SER A 45 37.87 4.74 -23.90
N SER A 46 38.10 5.42 -22.79
CA SER A 46 38.73 4.80 -21.63
C SER A 46 37.79 3.84 -20.91
N GLY A 47 36.85 3.24 -21.64
CA GLY A 47 35.93 2.28 -21.05
C GLY A 47 34.75 2.82 -20.27
N LYS A 48 33.75 1.97 -20.04
CA LYS A 48 32.55 2.37 -19.31
C LYS A 48 32.85 2.67 -17.84
N LEU A 49 31.96 3.42 -17.20
CA LEU A 49 32.13 3.75 -15.80
C LEU A 49 31.29 2.76 -14.99
N SER A 50 30.43 2.04 -15.72
CA SER A 50 29.54 1.03 -15.14
C SER A 50 28.50 1.71 -14.26
N LEU A 51 27.72 2.59 -14.88
CA LEU A 51 26.66 3.31 -14.19
C LEU A 51 25.27 2.84 -14.62
N GLU A 52 25.18 1.60 -15.09
CA GLU A 52 23.92 1.07 -15.58
C GLU A 52 22.81 0.94 -14.53
N ARG A 53 23.19 0.63 -13.29
CA ARG A 53 22.21 0.51 -12.22
C ARG A 53 21.52 1.86 -12.00
N ASP A 54 22.27 2.95 -12.09
CA ASP A 54 21.69 4.27 -11.90
C ASP A 54 20.82 4.67 -13.07
N ILE A 55 21.29 4.36 -14.27
CA ILE A 55 20.51 4.67 -15.44
C ILE A 55 19.13 4.02 -15.25
N GLU A 56 19.12 2.71 -15.04
CA GLU A 56 17.86 2.00 -14.83
C GLU A 56 17.05 2.68 -13.75
N ASP A 57 17.53 2.64 -12.51
CA ASP A 57 16.82 3.25 -11.39
C ASP A 57 16.26 4.63 -11.70
N ILE A 58 17.09 5.51 -12.26
CA ILE A 58 16.64 6.84 -12.60
C ILE A 58 15.53 6.84 -13.64
N THR A 59 15.62 5.91 -14.58
CA THR A 59 14.61 5.79 -15.63
C THR A 59 13.25 5.35 -15.07
N ILE A 60 13.25 4.34 -14.21
CA ILE A 60 12.00 3.87 -13.60
C ILE A 60 11.42 5.05 -12.81
N ALA A 61 12.25 5.67 -11.97
CA ALA A 61 11.83 6.80 -11.16
C ALA A 61 11.09 7.84 -11.99
N SER A 62 11.58 8.12 -13.18
CA SER A 62 10.92 9.10 -14.02
C SER A 62 9.57 8.55 -14.49
N LYS A 63 9.58 7.37 -15.10
CA LYS A 63 8.34 6.77 -15.58
C LYS A 63 7.32 6.73 -14.45
N ASN A 64 7.78 6.53 -13.22
CA ASN A 64 6.85 6.50 -12.11
C ASN A 64 6.26 7.87 -11.88
N LEU A 65 7.10 8.89 -12.00
CA LEU A 65 6.65 10.26 -11.77
C LEU A 65 5.54 10.76 -12.68
N GLN A 66 5.50 10.27 -13.92
CA GLN A 66 4.46 10.69 -14.83
C GLN A 66 3.12 10.01 -14.48
N GLN A 67 3.17 8.71 -14.25
CA GLN A 67 1.99 7.94 -13.90
C GLN A 67 1.56 8.26 -12.45
N GLY A 68 2.16 9.30 -11.88
CA GLY A 68 1.84 9.67 -10.51
C GLY A 68 0.42 10.18 -10.34
N VAL A 69 -0.18 9.86 -9.20
CA VAL A 69 -1.55 10.29 -8.90
C VAL A 69 -1.91 9.99 -7.43
N PHE A 70 -2.83 10.77 -6.86
CA PHE A 70 -3.25 10.55 -5.48
C PHE A 70 -4.50 9.69 -5.50
N ARG A 71 -4.44 8.52 -4.87
CA ARG A 71 -5.58 7.61 -4.85
C ARG A 71 -6.31 7.70 -3.53
N LEU A 72 -7.62 7.87 -3.61
CA LEU A 72 -8.48 7.98 -2.46
C LEU A 72 -9.52 6.87 -2.43
N LEU A 73 -9.59 6.12 -1.33
CA LEU A 73 -10.55 5.03 -1.19
C LEU A 73 -11.73 5.57 -0.40
N VAL A 74 -12.89 5.66 -1.05
CA VAL A 74 -14.08 6.19 -0.38
C VAL A 74 -15.01 5.07 0.10
N LEU A 75 -14.93 4.81 1.40
CA LEU A 75 -15.75 3.78 2.02
C LEU A 75 -17.00 4.35 2.64
N GLY A 76 -17.98 3.49 2.87
CA GLY A 76 -19.23 3.93 3.46
C GLY A 76 -20.33 2.90 3.39
N ASP A 77 -21.19 2.89 4.39
CA ASP A 77 -22.31 1.96 4.44
C ASP A 77 -23.41 2.31 3.46
N MET A 78 -24.54 1.63 3.58
CA MET A 78 -25.66 1.86 2.69
C MET A 78 -26.36 3.17 2.98
N LYS A 79 -26.64 3.91 1.92
CA LYS A 79 -27.34 5.18 2.03
C LYS A 79 -26.81 6.13 3.09
N ARG A 80 -25.53 6.46 3.04
CA ARG A 80 -24.98 7.38 4.04
C ARG A 80 -24.74 8.72 3.39
N GLY A 81 -24.51 8.70 2.08
CA GLY A 81 -24.28 9.94 1.36
C GLY A 81 -23.05 9.88 0.49
N LYS A 82 -22.36 8.75 0.52
CA LYS A 82 -21.13 8.56 -0.28
C LYS A 82 -21.29 9.17 -1.66
N SER A 83 -22.41 8.85 -2.29
CA SER A 83 -22.76 9.32 -3.62
C SER A 83 -22.87 10.84 -3.65
N THR A 84 -23.80 11.38 -2.89
CA THR A 84 -23.98 12.82 -2.83
C THR A 84 -22.69 13.51 -2.42
N PHE A 85 -21.98 12.90 -1.46
CA PHE A 85 -20.71 13.41 -0.97
C PHE A 85 -19.73 13.62 -2.10
N LEU A 86 -19.47 12.56 -2.86
CA LEU A 86 -18.54 12.65 -3.98
C LEU A 86 -18.93 13.75 -4.97
N ASN A 87 -20.20 13.74 -5.38
CA ASN A 87 -20.67 14.74 -6.31
C ASN A 87 -20.31 16.11 -5.78
N ALA A 88 -20.58 16.36 -4.50
CA ALA A 88 -20.27 17.64 -3.90
C ALA A 88 -18.78 17.88 -3.98
N LEU A 89 -18.00 16.87 -3.63
CA LEU A 89 -16.55 17.01 -3.65
C LEU A 89 -16.05 17.47 -5.01
N ILE A 90 -16.33 16.68 -6.04
CA ILE A 90 -15.91 17.01 -7.39
C ILE A 90 -16.89 17.93 -8.13
N GLY A 91 -17.69 18.70 -7.39
CA GLY A 91 -18.62 19.64 -7.96
C GLY A 91 -19.49 19.30 -9.17
N GLU A 92 -20.02 18.09 -9.21
CA GLU A 92 -20.90 17.65 -10.31
C GLU A 92 -21.99 16.75 -9.74
N ASN A 93 -23.08 16.58 -10.48
CA ASN A 93 -24.14 15.68 -10.03
C ASN A 93 -24.01 14.42 -10.87
N LEU A 94 -22.83 13.82 -10.77
CA LEU A 94 -22.44 12.62 -11.51
C LEU A 94 -23.06 11.32 -11.00
N LEU A 95 -22.60 10.82 -9.86
CA LEU A 95 -23.15 9.58 -9.33
C LEU A 95 -24.65 9.72 -9.02
N PRO A 96 -25.43 8.67 -9.28
CA PRO A 96 -26.89 8.57 -9.09
C PRO A 96 -27.38 8.56 -7.64
N SER A 97 -28.04 9.63 -7.23
CA SER A 97 -28.56 9.74 -5.86
C SER A 97 -29.93 9.07 -5.73
N THR A 103 -24.86 2.33 -7.78
CA THR A 103 -23.44 1.99 -7.92
C THR A 103 -23.19 0.73 -7.09
N ALA A 104 -23.52 -0.42 -7.64
CA ALA A 104 -23.35 -1.68 -6.93
C ALA A 104 -22.13 -2.42 -7.42
N VAL A 105 -21.00 -1.73 -7.42
CA VAL A 105 -19.79 -2.35 -7.88
C VAL A 105 -18.61 -1.39 -7.77
N LEU A 106 -17.51 -1.88 -7.22
CA LEU A 106 -16.31 -1.06 -7.08
C LEU A 106 -16.16 -0.24 -8.35
N THR A 107 -16.06 1.07 -8.22
CA THR A 107 -15.90 1.94 -9.37
C THR A 107 -14.69 2.83 -9.17
N VAL A 108 -13.79 2.81 -10.15
CA VAL A 108 -12.58 3.61 -10.12
C VAL A 108 -12.85 4.82 -10.99
N LEU A 109 -12.87 6.01 -10.39
CA LEU A 109 -13.15 7.24 -11.11
C LEU A 109 -11.85 7.94 -11.46
N ARG A 110 -11.49 7.99 -12.73
CA ARG A 110 -10.24 8.65 -13.11
C ARG A 110 -10.40 9.64 -14.27
N TYR A 111 -9.43 10.53 -14.42
CA TYR A 111 -9.48 11.52 -15.49
C TYR A 111 -9.47 10.87 -16.87
N GLY A 112 -10.21 11.47 -17.79
CA GLY A 112 -10.29 10.96 -19.14
C GLY A 112 -10.86 12.03 -20.05
N PRO A 113 -10.53 12.01 -21.35
CA PRO A 113 -11.02 13.00 -22.31
C PRO A 113 -12.50 12.84 -22.59
N GLU A 114 -12.91 11.62 -22.92
CA GLU A 114 -14.30 11.32 -23.22
C GLU A 114 -14.95 10.50 -22.11
N LYS A 115 -16.24 10.72 -21.89
CA LYS A 115 -16.96 9.97 -20.86
C LYS A 115 -17.06 8.52 -21.30
N LYS A 116 -16.22 7.68 -20.73
CA LYS A 116 -16.16 6.26 -21.06
C LYS A 116 -16.30 5.40 -19.79
N VAL A 117 -16.52 4.10 -19.96
CA VAL A 117 -16.69 3.20 -18.81
C VAL A 117 -16.34 1.75 -19.15
N THR A 118 -15.10 1.32 -18.90
CA THR A 118 -14.74 -0.06 -19.17
C THR A 118 -14.86 -0.87 -17.87
N ILE A 119 -15.28 -2.13 -17.97
CA ILE A 119 -15.43 -2.95 -16.76
C ILE A 119 -14.67 -4.28 -16.79
N HIS A 120 -13.79 -4.47 -15.81
CA HIS A 120 -12.95 -5.67 -15.70
C HIS A 120 -13.59 -6.79 -14.90
N PHE A 121 -13.68 -7.97 -15.49
CA PHE A 121 -14.30 -9.13 -14.86
C PHE A 121 -13.32 -10.06 -14.14
N ASN A 122 -13.86 -11.15 -13.60
CA ASN A 122 -13.07 -12.14 -12.86
C ASN A 122 -13.49 -13.56 -13.22
N ASP A 123 -14.70 -13.68 -13.76
CA ASP A 123 -15.23 -14.98 -14.15
C ASP A 123 -14.59 -15.42 -15.46
N GLY A 124 -13.68 -14.58 -15.97
CA GLY A 124 -12.99 -14.89 -17.20
C GLY A 124 -13.11 -13.81 -18.26
N LYS A 125 -14.35 -13.49 -18.63
CA LYS A 125 -14.64 -12.47 -19.65
C LYS A 125 -13.55 -11.42 -19.81
N SER A 126 -13.22 -11.08 -21.05
CA SER A 126 -12.20 -10.09 -21.30
C SER A 126 -12.80 -8.70 -21.05
N PRO A 127 -12.00 -7.79 -20.45
CA PRO A 127 -12.40 -6.42 -20.14
C PRO A 127 -13.33 -5.80 -21.17
N GLN A 128 -14.62 -5.85 -20.88
CA GLN A 128 -15.67 -5.31 -21.75
C GLN A 128 -15.53 -3.81 -22.04
N GLN A 129 -16.67 -3.12 -22.12
CA GLN A 129 -16.71 -1.70 -22.44
C GLN A 129 -18.16 -1.28 -22.55
N LEU A 130 -18.46 -0.02 -22.21
CA LEU A 130 -19.83 0.51 -22.27
C LEU A 130 -19.82 2.04 -22.28
N ASP A 131 -21.00 2.61 -22.04
CA ASP A 131 -21.18 4.06 -21.99
C ASP A 131 -21.94 4.33 -20.69
N PHE A 132 -21.51 5.33 -19.92
CA PHE A 132 -22.17 5.64 -18.65
C PHE A 132 -23.69 5.62 -18.77
N GLN A 133 -24.20 6.00 -19.93
CA GLN A 133 -25.64 6.01 -20.16
C GLN A 133 -26.23 4.62 -19.87
N ASN A 134 -25.71 3.61 -20.55
CA ASN A 134 -26.17 2.24 -20.39
C ASN A 134 -25.63 1.61 -19.10
N PHE A 135 -24.37 1.91 -18.80
CA PHE A 135 -23.71 1.39 -17.59
C PHE A 135 -24.48 1.72 -16.32
N LYS A 136 -25.03 2.94 -16.26
CA LYS A 136 -25.80 3.41 -15.11
C LYS A 136 -27.01 2.51 -14.84
N TYR A 137 -27.55 1.94 -15.92
CA TYR A 137 -28.72 1.07 -15.85
C TYR A 137 -28.40 -0.42 -15.67
N LYS A 138 -27.32 -0.88 -16.30
CA LYS A 138 -26.91 -2.28 -16.22
C LYS A 138 -26.30 -2.69 -14.87
N TYR A 139 -25.69 -1.73 -14.17
CA TYR A 139 -25.03 -2.02 -12.90
C TYR A 139 -25.47 -1.12 -11.73
N THR A 140 -26.63 -1.42 -11.18
CA THR A 140 -27.20 -0.70 -10.04
C THR A 140 -28.24 -1.63 -9.42
N ILE A 141 -28.71 -1.31 -8.22
CA ILE A 141 -29.71 -2.16 -7.56
C ILE A 141 -30.75 -1.36 -6.78
N ASP A 142 -32.03 -1.67 -7.00
CA ASP A 142 -33.11 -1.00 -6.30
C ASP A 142 -32.92 -1.23 -4.82
N PRO A 143 -33.38 -0.28 -3.98
CA PRO A 143 -33.23 -0.46 -2.53
C PRO A 143 -33.92 -1.74 -2.07
N ALA A 144 -34.74 -2.29 -2.96
CA ALA A 144 -35.49 -3.51 -2.68
C ALA A 144 -34.64 -4.77 -2.90
N GLU A 145 -34.36 -5.05 -4.17
CA GLU A 145 -33.57 -6.23 -4.53
C GLU A 145 -32.10 -6.10 -4.12
N ALA A 146 -31.82 -5.13 -3.24
CA ALA A 146 -30.46 -4.90 -2.75
C ALA A 146 -30.43 -5.30 -1.28
N LYS A 147 -31.57 -5.17 -0.61
CA LYS A 147 -31.68 -5.55 0.79
C LYS A 147 -31.90 -7.07 0.79
N LYS A 148 -32.29 -7.59 -0.38
CA LYS A 148 -32.54 -9.02 -0.58
C LYS A 148 -31.20 -9.75 -0.65
N LEU A 149 -30.27 -9.20 -1.43
CA LEU A 149 -28.94 -9.79 -1.57
C LEU A 149 -28.13 -9.42 -0.33
N GLU A 150 -28.83 -9.02 0.72
CA GLU A 150 -28.21 -8.63 1.97
C GLU A 150 -28.56 -9.64 3.05
N GLN A 151 -29.77 -10.20 2.94
CA GLN A 151 -30.27 -11.20 3.89
C GLN A 151 -29.43 -12.49 3.81
N GLU A 152 -28.68 -12.63 2.73
CA GLU A 152 -27.84 -13.79 2.52
C GLU A 152 -26.37 -13.43 2.44
N LYS A 153 -26.07 -12.16 2.71
CA LYS A 153 -24.72 -11.64 2.68
C LYS A 153 -23.94 -12.01 1.41
N LYS A 154 -24.61 -11.92 0.26
CA LYS A 154 -24.01 -12.24 -1.02
C LYS A 154 -23.62 -10.98 -1.80
N GLN A 155 -22.82 -11.15 -2.85
CA GLN A 155 -22.35 -10.04 -3.68
C GLN A 155 -23.28 -9.81 -4.89
N ALA A 156 -23.51 -8.55 -5.23
CA ALA A 156 -24.40 -8.19 -6.34
C ALA A 156 -24.03 -8.87 -7.66
N PHE A 157 -22.89 -8.49 -8.22
CA PHE A 157 -22.42 -9.08 -9.47
C PHE A 157 -21.02 -9.65 -9.26
N PRO A 158 -20.92 -10.92 -8.85
CA PRO A 158 -19.62 -11.55 -8.62
C PRO A 158 -18.83 -11.83 -9.90
N ASP A 159 -19.40 -11.47 -11.04
CA ASP A 159 -18.73 -11.68 -12.31
C ASP A 159 -17.85 -10.47 -12.62
N VAL A 160 -18.00 -9.42 -11.81
CA VAL A 160 -17.24 -8.19 -11.97
C VAL A 160 -16.22 -7.95 -10.85
N ASP A 161 -15.04 -7.49 -11.22
CA ASP A 161 -13.98 -7.20 -10.24
C ASP A 161 -14.07 -5.72 -9.89
N TYR A 162 -14.34 -4.92 -10.92
CA TYR A 162 -14.46 -3.48 -10.75
C TYR A 162 -14.70 -2.83 -12.10
N ALA A 163 -15.16 -1.59 -12.08
CA ALA A 163 -15.42 -0.85 -13.31
C ALA A 163 -14.70 0.48 -13.23
N VAL A 164 -14.14 0.93 -14.35
CA VAL A 164 -13.44 2.21 -14.37
C VAL A 164 -14.27 3.25 -15.08
N VAL A 165 -14.21 4.49 -14.62
CA VAL A 165 -14.99 5.55 -15.23
C VAL A 165 -14.15 6.80 -15.52
N GLU A 166 -13.83 6.99 -16.79
CA GLU A 166 -13.06 8.15 -17.23
C GLU A 166 -14.05 9.27 -17.44
N TYR A 167 -13.71 10.48 -17.01
CA TYR A 167 -14.64 11.59 -17.14
C TYR A 167 -13.86 12.91 -17.10
N PRO A 168 -14.34 13.93 -17.82
CA PRO A 168 -13.64 15.22 -17.82
C PRO A 168 -13.87 16.03 -16.54
N LEU A 169 -13.15 15.69 -15.48
CA LEU A 169 -13.27 16.41 -14.22
C LEU A 169 -11.92 17.00 -13.85
N THR A 170 -11.82 18.31 -13.95
CA THR A 170 -10.57 18.99 -13.64
C THR A 170 -9.84 18.47 -12.39
N LEU A 171 -10.59 18.06 -11.35
CA LEU A 171 -9.94 17.52 -10.15
C LEU A 171 -9.11 16.28 -10.51
N LEU A 172 -9.70 15.36 -11.25
CA LEU A 172 -9.00 14.15 -11.65
C LEU A 172 -7.80 14.49 -12.54
N GLN A 173 -7.94 15.57 -13.31
CA GLN A 173 -6.89 16.02 -14.21
C GLN A 173 -5.64 16.32 -13.38
N LYS A 174 -5.80 17.16 -12.36
CA LYS A 174 -4.70 17.55 -11.50
C LYS A 174 -4.05 16.41 -10.72
N GLY A 175 -4.50 15.19 -10.99
CA GLY A 175 -3.91 14.02 -10.32
C GLY A 175 -4.62 13.39 -9.14
N ILE A 176 -5.91 13.08 -9.31
CA ILE A 176 -6.70 12.47 -8.25
C ILE A 176 -7.49 11.29 -8.80
N GLU A 177 -7.43 10.17 -8.11
CA GLU A 177 -8.20 9.00 -8.54
C GLU A 177 -9.12 8.65 -7.38
N ILE A 178 -10.34 8.25 -7.69
CA ILE A 178 -11.25 7.91 -6.63
C ILE A 178 -11.75 6.48 -6.77
N VAL A 179 -11.73 5.76 -5.66
CA VAL A 179 -12.21 4.39 -5.64
C VAL A 179 -13.42 4.42 -4.72
N ASP A 180 -14.60 4.27 -5.30
CA ASP A 180 -15.86 4.30 -4.57
C ASP A 180 -16.33 2.86 -4.25
N SER A 181 -16.16 2.42 -3.02
CA SER A 181 -16.58 1.07 -2.60
C SER A 181 -18.08 1.06 -2.32
N PRO A 182 -18.79 0.06 -2.86
CA PRO A 182 -20.24 -0.09 -2.71
C PRO A 182 -20.77 -0.52 -1.35
N GLY A 183 -19.91 -1.00 -0.47
CA GLY A 183 -20.41 -1.41 0.82
C GLY A 183 -19.37 -1.86 1.81
N LEU A 184 -19.82 -2.04 3.05
CA LEU A 184 -18.92 -2.46 4.10
C LEU A 184 -18.89 -3.96 4.38
N ASN A 185 -19.72 -4.73 3.69
CA ASN A 185 -19.77 -6.17 3.90
C ASN A 185 -18.41 -6.81 3.70
N ASP A 186 -18.24 -8.03 4.22
CA ASP A 186 -16.98 -8.74 4.15
C ASP A 186 -16.52 -9.27 2.80
N THR A 187 -17.46 -9.63 1.94
CA THR A 187 -17.07 -10.14 0.63
C THR A 187 -16.43 -9.02 -0.18
N GLU A 188 -17.09 -7.87 -0.21
CA GLU A 188 -16.58 -6.69 -0.92
C GLU A 188 -15.26 -6.25 -0.28
N ALA A 189 -15.17 -6.47 1.04
CA ALA A 189 -13.98 -6.13 1.79
C ALA A 189 -12.78 -6.85 1.20
N ARG A 190 -12.81 -8.19 1.23
CA ARG A 190 -11.71 -8.98 0.69
C ARG A 190 -11.34 -8.56 -0.73
N ASN A 191 -12.33 -8.47 -1.60
CA ASN A 191 -12.09 -8.09 -2.98
C ASN A 191 -11.15 -6.88 -3.01
N GLU A 192 -11.54 -5.80 -2.32
CA GLU A 192 -10.75 -4.58 -2.22
C GLU A 192 -9.35 -4.85 -1.68
N LEU A 193 -9.27 -5.68 -0.65
CA LEU A 193 -8.00 -6.04 -0.05
C LEU A 193 -7.16 -6.81 -1.07
N SER A 194 -7.80 -7.75 -1.76
CA SER A 194 -7.11 -8.57 -2.76
C SER A 194 -6.63 -7.79 -3.97
N LEU A 195 -7.40 -6.78 -4.38
CA LEU A 195 -7.03 -5.95 -5.52
C LEU A 195 -6.02 -4.88 -5.12
N GLY A 196 -5.74 -4.81 -3.81
CA GLY A 196 -4.80 -3.83 -3.29
C GLY A 196 -5.47 -2.70 -2.54
N TYR A 197 -6.09 -1.80 -3.29
CA TYR A 197 -6.79 -0.63 -2.78
C TYR A 197 -6.61 -0.25 -1.32
N VAL A 198 -7.21 -1.01 -0.39
CA VAL A 198 -7.08 -0.68 1.02
C VAL A 198 -5.65 -0.37 1.42
N ASN A 199 -4.70 -0.86 0.62
CA ASN A 199 -3.28 -0.62 0.92
C ASN A 199 -2.53 -0.02 -0.25
N ASN A 200 -3.28 0.53 -1.21
CA ASN A 200 -2.67 1.15 -2.37
C ASN A 200 -3.30 2.50 -2.66
N CYS A 201 -3.57 3.25 -1.61
CA CYS A 201 -4.19 4.55 -1.76
C CYS A 201 -3.61 5.44 -0.68
N HIS A 202 -3.44 6.72 -0.98
CA HIS A 202 -2.87 7.64 -0.02
C HIS A 202 -3.77 7.96 1.15
N ALA A 203 -5.08 7.88 0.97
CA ALA A 203 -5.98 8.18 2.06
C ALA A 203 -7.33 7.49 1.94
N ILE A 204 -8.00 7.29 3.08
CA ILE A 204 -9.33 6.68 3.07
C ILE A 204 -10.39 7.68 3.51
N LEU A 205 -11.45 7.79 2.72
CA LEU A 205 -12.55 8.68 3.05
C LEU A 205 -13.69 7.76 3.44
N PHE A 206 -13.95 7.65 4.75
CA PHE A 206 -14.98 6.76 5.32
C PHE A 206 -16.26 7.53 5.67
N VAL A 207 -17.18 7.62 4.73
CA VAL A 207 -18.40 8.37 4.97
C VAL A 207 -19.35 7.74 5.97
N MET A 208 -19.69 8.50 7.01
CA MET A 208 -20.61 8.02 8.01
C MET A 208 -21.77 9.01 8.04
N ARG A 209 -22.81 8.69 8.81
CA ARG A 209 -23.99 9.56 8.90
C ARG A 209 -24.41 9.85 10.34
N ALA A 210 -24.82 11.08 10.60
CA ALA A 210 -25.22 11.46 11.95
C ALA A 210 -26.42 10.68 12.49
N SER A 211 -27.33 10.27 11.61
CA SER A 211 -28.52 9.53 12.01
C SER A 211 -28.19 8.07 12.29
N GLN A 212 -26.94 7.69 12.15
CA GLN A 212 -26.56 6.31 12.40
C GLN A 212 -25.13 6.33 12.85
N PRO A 213 -24.89 6.80 14.08
CA PRO A 213 -23.60 6.92 14.74
C PRO A 213 -22.87 5.61 14.93
N CYS A 214 -21.71 5.48 14.29
CA CYS A 214 -20.88 4.30 14.43
C CYS A 214 -21.67 2.99 14.56
N THR A 215 -22.34 2.61 13.47
CA THR A 215 -23.11 1.39 13.42
C THR A 215 -22.24 0.22 13.87
N LEU A 216 -22.87 -0.92 14.12
CA LEU A 216 -22.14 -2.12 14.51
C LEU A 216 -21.34 -2.46 13.25
N GLY A 217 -22.00 -2.33 12.10
CA GLY A 217 -21.35 -2.62 10.84
C GLY A 217 -20.06 -1.85 10.64
N GLU A 218 -20.12 -0.57 10.97
CA GLU A 218 -18.97 0.29 10.81
C GLU A 218 -17.93 -0.12 11.83
N ARG A 219 -18.25 0.02 13.11
CA ARG A 219 -17.32 -0.33 14.17
C ARG A 219 -16.59 -1.65 13.90
N ARG A 220 -17.29 -2.62 13.31
CA ARG A 220 -16.69 -3.91 13.02
C ARG A 220 -15.63 -3.76 11.94
N TYR A 221 -16.02 -3.17 10.81
CA TYR A 221 -15.13 -2.94 9.67
C TYR A 221 -13.86 -2.28 10.16
N LEU A 222 -14.01 -1.14 10.83
CA LEU A 222 -12.88 -0.41 11.34
C LEU A 222 -11.90 -1.31 12.05
N GLU A 223 -12.41 -2.20 12.91
CA GLU A 223 -11.52 -3.09 13.64
C GLU A 223 -10.86 -4.13 12.76
N ASN A 224 -11.64 -4.79 11.91
CA ASN A 224 -11.09 -5.82 11.05
C ASN A 224 -10.17 -5.36 9.94
N TYR A 225 -10.35 -4.13 9.47
CA TYR A 225 -9.54 -3.68 8.35
C TYR A 225 -8.70 -2.42 8.49
N ILE A 226 -8.98 -1.60 9.49
CA ILE A 226 -8.26 -0.35 9.65
C ILE A 226 -7.42 -0.21 10.92
N LYS A 227 -7.96 -0.65 12.05
CA LYS A 227 -7.29 -0.56 13.34
C LYS A 227 -5.85 -1.03 13.34
N GLY A 228 -4.96 -0.18 13.84
CA GLY A 228 -3.55 -0.49 13.92
C GLY A 228 -2.90 -1.00 12.65
N ARG A 229 -3.38 -0.55 11.50
CA ARG A 229 -2.81 -0.97 10.24
C ARG A 229 -1.99 0.18 9.66
N GLY A 230 -1.91 1.27 10.42
CA GLY A 230 -1.17 2.43 9.96
C GLY A 230 -1.71 3.02 8.68
N LEU A 231 -3.01 3.35 8.65
CA LEU A 231 -3.61 3.94 7.45
C LEU A 231 -4.15 5.33 7.80
N THR A 232 -4.23 6.22 6.82
CA THR A 232 -4.77 7.55 7.08
C THR A 232 -6.21 7.55 6.62
N VAL A 233 -7.12 7.73 7.56
CA VAL A 233 -8.51 7.76 7.19
C VAL A 233 -9.21 8.96 7.82
N PHE A 234 -9.94 9.70 7.00
CA PHE A 234 -10.71 10.85 7.46
C PHE A 234 -12.15 10.41 7.64
N PHE A 235 -12.71 10.64 8.82
CA PHE A 235 -14.09 10.26 9.01
C PHE A 235 -14.97 11.47 8.73
N LEU A 236 -15.89 11.29 7.80
CA LEU A 236 -16.81 12.36 7.39
C LEU A 236 -18.18 12.03 7.91
N VAL A 237 -18.58 12.73 8.95
CA VAL A 237 -19.89 12.52 9.54
C VAL A 237 -20.82 13.31 8.64
N ASN A 238 -21.49 12.61 7.74
CA ASN A 238 -22.38 13.25 6.78
C ASN A 238 -23.79 13.53 7.29
N ALA A 239 -24.52 14.33 6.53
CA ALA A 239 -25.90 14.72 6.87
C ALA A 239 -25.96 15.34 8.25
N TRP A 240 -24.98 16.15 8.56
CA TRP A 240 -24.92 16.78 9.86
C TRP A 240 -26.08 17.75 10.05
N ASP A 241 -26.59 18.26 8.93
CA ASP A 241 -27.70 19.20 9.00
C ASP A 241 -28.95 18.64 9.65
N GLN A 242 -29.13 17.33 9.51
CA GLN A 242 -30.33 16.68 10.06
C GLN A 242 -30.48 16.74 11.59
N VAL A 243 -29.36 16.90 12.28
CA VAL A 243 -29.41 16.93 13.72
C VAL A 243 -30.40 17.92 14.26
N ARG A 244 -30.52 19.07 13.63
CA ARG A 244 -31.43 20.05 14.20
C ARG A 244 -32.89 19.89 13.87
N GLU A 245 -33.22 19.02 12.91
CA GLU A 245 -34.63 18.87 12.56
C GLU A 245 -35.33 17.96 13.55
N SER A 246 -34.78 17.88 14.75
CA SER A 246 -35.35 17.02 15.77
C SER A 246 -35.34 17.67 17.16
N LEU A 247 -34.99 18.95 17.21
CA LEU A 247 -34.93 19.68 18.46
C LEU A 247 -36.28 20.26 18.82
N ILE A 248 -36.50 20.55 20.10
CA ILE A 248 -37.75 21.17 20.51
C ILE A 248 -37.90 22.36 19.58
N ASP A 249 -36.84 23.15 19.50
CA ASP A 249 -36.81 24.32 18.65
C ASP A 249 -35.61 24.20 17.73
N PRO A 250 -35.84 23.87 16.46
CA PRO A 250 -34.77 23.71 15.47
C PRO A 250 -33.99 24.99 15.18
N ASP A 251 -34.39 26.08 15.83
CA ASP A 251 -33.75 27.37 15.63
C ASP A 251 -33.16 27.95 16.90
N ASP A 252 -32.61 27.07 17.73
CA ASP A 252 -31.99 27.43 18.99
C ASP A 252 -30.57 26.85 19.00
N VAL A 253 -29.60 27.66 18.56
CA VAL A 253 -28.20 27.25 18.49
C VAL A 253 -27.69 26.62 19.78
N GLU A 254 -28.22 27.06 20.91
CA GLU A 254 -27.77 26.50 22.16
C GLU A 254 -28.27 25.06 22.26
N GLU A 255 -29.58 24.83 22.14
CA GLU A 255 -30.07 23.45 22.21
C GLU A 255 -29.37 22.58 21.17
N LEU A 256 -29.31 23.10 19.94
CA LEU A 256 -28.66 22.38 18.84
C LEU A 256 -27.30 21.91 19.29
N GLN A 257 -26.45 22.86 19.64
CA GLN A 257 -25.10 22.60 20.13
C GLN A 257 -25.09 21.45 21.13
N ALA A 258 -26.03 21.47 22.06
CA ALA A 258 -26.11 20.42 23.07
C ALA A 258 -26.40 19.02 22.49
N SER A 259 -27.24 18.95 21.47
CA SER A 259 -27.55 17.66 20.86
C SER A 259 -26.31 17.25 20.10
N GLU A 260 -25.78 18.17 19.29
CA GLU A 260 -24.56 17.90 18.53
C GLU A 260 -23.52 17.32 19.50
N ASN A 261 -23.41 17.93 20.68
CA ASN A 261 -22.44 17.47 21.66
C ASN A 261 -22.74 16.04 22.07
N ARG A 262 -24.00 15.73 22.32
CA ARG A 262 -24.37 14.37 22.71
C ARG A 262 -23.82 13.42 21.66
N LEU A 263 -24.03 13.80 20.40
CA LEU A 263 -23.58 13.03 19.25
C LEU A 263 -22.07 12.99 19.11
N ARG A 264 -21.45 14.13 19.35
CA ARG A 264 -20.01 14.25 19.23
C ARG A 264 -19.24 13.36 20.19
N GLN A 265 -19.75 13.14 21.40
CA GLN A 265 -19.02 12.29 22.33
C GLN A 265 -19.12 10.84 21.91
N VAL A 266 -20.06 10.54 21.01
CA VAL A 266 -20.19 9.17 20.54
C VAL A 266 -19.10 8.89 19.50
N PHE A 267 -18.94 9.79 18.54
CA PHE A 267 -17.94 9.60 17.50
C PHE A 267 -16.54 9.62 18.09
N ASN A 268 -16.30 10.56 18.99
CA ASN A 268 -14.98 10.65 19.60
C ASN A 268 -14.67 9.35 20.32
N ALA A 269 -15.62 8.87 21.11
CA ALA A 269 -15.45 7.63 21.85
C ALA A 269 -15.02 6.48 20.94
N ASN A 270 -15.57 6.46 19.74
CA ASN A 270 -15.27 5.40 18.77
C ASN A 270 -14.21 5.69 17.73
N LEU A 271 -13.90 6.95 17.49
CA LEU A 271 -12.93 7.27 16.46
C LEU A 271 -11.60 7.83 16.93
N ALA A 272 -11.58 8.36 18.15
CA ALA A 272 -10.35 8.94 18.71
C ALA A 272 -9.23 7.98 18.42
N GLU A 273 -9.43 6.75 18.83
CA GLU A 273 -8.48 5.68 18.65
C GLU A 273 -7.82 5.68 17.28
N TYR A 274 -8.54 6.13 16.25
CA TYR A 274 -8.01 6.12 14.89
C TYR A 274 -7.48 7.47 14.39
N CYS A 275 -7.29 8.42 15.29
CA CYS A 275 -6.82 9.72 14.86
C CYS A 275 -5.64 10.17 15.70
N THR A 276 -4.56 9.40 15.62
CA THR A 276 -3.34 9.72 16.35
C THR A 276 -2.17 9.32 15.47
N VAL A 277 -1.07 10.08 15.57
CA VAL A 277 0.13 9.80 14.80
C VAL A 277 1.37 9.91 15.66
N GLU A 278 1.91 8.76 16.05
CA GLU A 278 3.10 8.72 16.88
C GLU A 278 2.83 9.45 18.17
N GLY A 279 1.80 8.99 18.88
CA GLY A 279 1.45 9.59 20.15
C GLY A 279 0.68 10.90 20.04
N GLN A 280 0.85 11.62 18.94
CA GLN A 280 0.15 12.89 18.79
C GLN A 280 -1.27 12.70 18.25
N ASN A 281 -2.23 13.34 18.91
CA ASN A 281 -3.64 13.25 18.54
C ASN A 281 -4.07 14.32 17.55
N ILE A 282 -4.66 13.90 16.44
CA ILE A 282 -5.11 14.86 15.45
C ILE A 282 -6.57 14.66 15.07
N TYR A 283 -7.37 14.24 16.04
CA TYR A 283 -8.77 13.97 15.80
C TYR A 283 -9.45 15.00 14.92
N ASP A 284 -9.37 16.27 15.31
CA ASP A 284 -10.04 17.30 14.55
C ASP A 284 -9.37 17.75 13.26
N GLU A 285 -8.56 16.86 12.69
CA GLU A 285 -7.89 17.12 11.42
C GLU A 285 -8.24 15.93 10.55
N ARG A 286 -9.08 15.06 11.13
CA ARG A 286 -9.52 13.85 10.48
C ARG A 286 -11.04 13.64 10.51
N VAL A 287 -11.70 14.13 11.55
CA VAL A 287 -13.15 13.95 11.65
C VAL A 287 -13.88 15.25 11.28
N PHE A 288 -14.80 15.16 10.33
CA PHE A 288 -15.50 16.33 9.88
C PHE A 288 -17.02 16.23 9.74
N GLU A 289 -17.72 17.10 10.45
CA GLU A 289 -19.16 17.12 10.37
C GLU A 289 -19.48 17.83 9.07
N LEU A 290 -20.23 17.15 8.21
CA LEU A 290 -20.58 17.68 6.89
C LEU A 290 -22.05 17.63 6.50
N SER A 291 -22.38 18.46 5.52
CA SER A 291 -23.72 18.52 4.93
C SER A 291 -23.49 18.47 3.43
N SER A 292 -23.29 17.26 2.90
CA SER A 292 -23.05 17.11 1.47
C SER A 292 -24.19 17.67 0.64
N ILE A 293 -25.41 17.47 1.11
CA ILE A 293 -26.58 17.95 0.39
C ILE A 293 -26.56 19.47 0.23
N GLN A 294 -26.03 20.18 1.21
CA GLN A 294 -25.99 21.64 1.12
C GLN A 294 -24.81 22.08 0.26
N ALA A 295 -23.71 21.33 0.30
CA ALA A 295 -22.54 21.67 -0.50
C ALA A 295 -22.90 21.46 -1.97
N LEU A 296 -23.42 20.29 -2.30
CA LEU A 296 -23.80 20.00 -3.68
C LEU A 296 -24.69 21.10 -4.22
N ARG A 297 -25.81 21.36 -3.54
CA ARG A 297 -26.73 22.41 -3.96
C ARG A 297 -26.02 23.71 -4.35
N ARG A 298 -25.12 24.19 -3.50
CA ARG A 298 -24.40 25.42 -3.79
C ARG A 298 -23.52 25.33 -5.05
N ARG A 299 -22.91 24.17 -5.26
CA ARG A 299 -22.03 23.99 -6.41
C ARG A 299 -22.84 23.79 -7.68
N LEU A 300 -24.16 23.72 -7.54
CA LEU A 300 -25.00 23.57 -8.72
C LEU A 300 -25.38 24.95 -9.27
N LYS A 301 -25.35 25.96 -8.41
CA LYS A 301 -25.67 27.34 -8.82
C LYS A 301 -24.40 28.05 -9.26
N ASN A 302 -23.25 27.45 -8.96
CA ASN A 302 -21.94 28.04 -9.27
C ASN A 302 -20.84 27.19 -8.64
N PRO A 303 -20.00 26.55 -9.47
CA PRO A 303 -18.91 25.71 -8.94
C PRO A 303 -17.77 26.42 -8.21
N GLN A 304 -17.63 27.72 -8.45
CA GLN A 304 -16.62 28.55 -7.79
C GLN A 304 -17.24 29.09 -6.50
N ALA A 305 -18.25 28.38 -6.03
CA ALA A 305 -18.99 28.78 -4.83
C ALA A 305 -18.30 28.49 -3.52
N ASP A 306 -18.41 29.47 -2.63
CA ASP A 306 -17.88 29.42 -1.27
C ASP A 306 -18.69 28.32 -0.61
N LEU A 307 -18.04 27.45 0.17
CA LEU A 307 -18.77 26.38 0.83
C LEU A 307 -18.89 26.52 2.34
N ASP A 308 -18.37 27.61 2.90
CA ASP A 308 -18.42 27.86 4.34
C ASP A 308 -19.82 27.59 4.86
N GLY A 309 -19.90 26.76 5.89
CA GLY A 309 -21.20 26.44 6.46
C GLY A 309 -21.65 25.03 6.16
N THR A 310 -20.96 24.35 5.24
CA THR A 310 -21.32 22.99 4.88
C THR A 310 -20.36 22.01 5.56
N GLY A 311 -19.24 22.54 6.02
CA GLY A 311 -18.26 21.70 6.68
C GLY A 311 -17.15 21.33 5.74
N PHE A 312 -17.46 21.35 4.45
CA PHE A 312 -16.49 20.98 3.45
C PHE A 312 -15.14 21.68 3.51
N PRO A 313 -15.12 23.02 3.54
CA PRO A 313 -13.88 23.79 3.59
C PRO A 313 -12.87 23.25 4.60
N LYS A 314 -13.30 23.20 5.86
CA LYS A 314 -12.45 22.70 6.94
C LYS A 314 -11.88 21.31 6.59
N PHE A 315 -12.74 20.43 6.06
CA PHE A 315 -12.31 19.11 5.69
C PHE A 315 -11.32 19.15 4.54
N MET A 316 -11.69 19.81 3.45
CA MET A 316 -10.83 19.88 2.28
C MET A 316 -9.46 20.45 2.55
N ASP A 317 -9.36 21.44 3.42
CA ASP A 317 -8.05 21.97 3.67
C ASP A 317 -7.13 20.93 4.32
N SER A 318 -7.67 20.12 5.22
CA SER A 318 -6.86 19.07 5.86
C SER A 318 -6.41 18.10 4.79
N LEU A 319 -7.35 17.61 3.99
CA LEU A 319 -7.01 16.67 2.94
C LEU A 319 -6.00 17.30 1.97
N ASN A 320 -6.17 18.59 1.68
CA ASN A 320 -5.24 19.26 0.79
C ASN A 320 -3.87 19.16 1.41
N THR A 321 -3.75 19.66 2.64
CA THR A 321 -2.49 19.61 3.35
C THR A 321 -1.81 18.24 3.31
N PHE A 322 -2.54 17.22 3.76
CA PHE A 322 -2.05 15.84 3.79
C PHE A 322 -1.47 15.44 2.45
N LEU A 323 -2.29 15.50 1.41
CA LEU A 323 -1.84 15.13 0.09
C LEU A 323 -0.70 15.96 -0.49
N THR A 324 -0.91 17.27 -0.62
CA THR A 324 0.10 18.14 -1.23
C THR A 324 1.25 18.62 -0.39
N ARG A 325 1.11 18.67 0.92
CA ARG A 325 2.23 19.14 1.73
C ARG A 325 2.84 18.06 2.59
N GLU A 326 2.47 16.82 2.36
CA GLU A 326 3.03 15.72 3.11
C GLU A 326 3.32 14.56 2.19
N ARG A 327 2.29 13.99 1.59
CA ARG A 327 2.54 12.87 0.72
C ARG A 327 3.41 13.24 -0.46
N ALA A 328 3.18 14.42 -1.05
CA ALA A 328 3.96 14.86 -2.21
C ALA A 328 5.42 15.10 -1.81
N ILE A 329 5.61 15.83 -0.73
CA ILE A 329 6.95 16.10 -0.25
C ILE A 329 7.71 14.79 -0.11
N ALA A 330 7.23 13.92 0.77
CA ALA A 330 7.85 12.63 1.01
C ALA A 330 8.20 11.94 -0.30
N GLU A 331 7.24 11.85 -1.20
CA GLU A 331 7.50 11.19 -2.46
C GLU A 331 8.54 11.95 -3.28
N LEU A 332 8.39 13.27 -3.36
CA LEU A 332 9.34 14.08 -4.13
C LEU A 332 10.73 13.99 -3.53
N ARG A 333 10.80 14.13 -2.20
CA ARG A 333 12.08 14.06 -1.54
C ARG A 333 12.87 12.82 -1.97
N GLN A 334 12.16 11.69 -2.12
CA GLN A 334 12.84 10.47 -2.54
C GLN A 334 13.48 10.65 -3.89
N VAL A 335 12.76 11.26 -4.82
CA VAL A 335 13.33 11.49 -6.14
C VAL A 335 14.62 12.27 -5.96
N ARG A 336 14.64 13.25 -5.06
CA ARG A 336 15.87 13.99 -4.90
C ARG A 336 16.97 13.02 -4.42
N THR A 337 16.64 12.20 -3.44
CA THR A 337 17.60 11.22 -2.92
C THR A 337 18.19 10.33 -4.01
N LEU A 338 17.32 9.83 -4.88
CA LEU A 338 17.76 8.97 -5.96
C LEU A 338 18.68 9.74 -6.91
N ALA A 339 18.35 11.00 -7.18
CA ALA A 339 19.16 11.82 -8.08
C ALA A 339 20.51 12.14 -7.47
N ARG A 340 20.55 12.41 -6.16
CA ARG A 340 21.83 12.67 -5.53
C ARG A 340 22.69 11.40 -5.61
N LEU A 341 22.07 10.23 -5.42
CA LEU A 341 22.81 8.98 -5.51
C LEU A 341 23.45 8.85 -6.89
N ALA A 342 22.62 8.99 -7.92
CA ALA A 342 23.09 8.89 -9.28
C ALA A 342 24.20 9.89 -9.51
N CYS A 343 23.97 11.12 -9.08
CA CYS A 343 24.95 12.17 -9.25
C CYS A 343 26.28 11.80 -8.59
N ASN A 344 26.25 11.39 -7.33
CA ASN A 344 27.47 11.01 -6.63
C ASN A 344 28.22 9.83 -7.25
N HIS A 345 27.49 8.76 -7.53
CA HIS A 345 28.14 7.60 -8.13
C HIS A 345 28.91 8.04 -9.37
N THR A 346 28.26 8.85 -10.21
CA THR A 346 28.88 9.33 -11.44
C THR A 346 30.08 10.20 -11.11
N ARG A 347 29.82 11.21 -10.32
CA ARG A 347 30.83 12.15 -9.89
C ARG A 347 32.11 11.45 -9.45
N GLU A 348 32.00 10.66 -8.40
CA GLU A 348 33.11 9.93 -7.82
C GLU A 348 33.81 9.00 -8.84
N ALA A 349 33.01 8.25 -9.58
CA ALA A 349 33.54 7.34 -10.60
C ALA A 349 34.57 8.09 -11.43
N VAL A 350 34.14 9.24 -11.96
CA VAL A 350 35.00 10.07 -12.80
C VAL A 350 36.23 10.55 -12.04
N ALA A 351 36.01 11.05 -10.83
CA ALA A 351 37.10 11.53 -10.00
C ALA A 351 38.16 10.46 -9.75
N ARG A 352 37.77 9.19 -9.93
CA ARG A 352 38.67 8.07 -9.73
C ARG A 352 39.38 7.75 -11.03
N ARG A 353 38.69 7.93 -12.16
CA ARG A 353 39.30 7.58 -13.42
C ARG A 353 40.30 8.56 -13.99
N ILE A 354 39.90 9.82 -14.15
CA ILE A 354 40.81 10.84 -14.71
C ILE A 354 42.22 10.57 -14.24
N PRO A 355 42.47 10.60 -12.92
CA PRO A 355 43.83 10.34 -12.45
C PRO A 355 44.45 9.01 -12.91
N LEU A 356 43.68 7.93 -12.94
CA LEU A 356 44.24 6.65 -13.39
C LEU A 356 44.57 6.67 -14.90
N LEU A 357 43.98 7.60 -15.65
CA LEU A 357 44.24 7.70 -17.09
C LEU A 357 45.72 7.94 -17.40
N GLU A 358 46.39 8.67 -16.52
CA GLU A 358 47.80 8.98 -16.73
C GLU A 358 48.66 7.76 -16.43
N GLN A 359 48.38 7.10 -15.31
CA GLN A 359 49.15 5.93 -14.93
C GLN A 359 49.17 4.90 -16.06
N ASP A 360 50.29 4.16 -16.15
CA ASP A 360 50.46 3.13 -17.16
C ASP A 360 49.92 1.78 -16.69
N VAL A 361 49.57 0.92 -17.63
CA VAL A 361 49.01 -0.39 -17.30
C VAL A 361 49.63 -1.05 -16.08
N ASN A 362 50.96 -1.13 -16.05
CA ASN A 362 51.66 -1.76 -14.92
C ASN A 362 51.36 -1.06 -13.60
N GLU A 363 51.52 0.26 -13.59
CA GLU A 363 51.26 1.03 -12.38
C GLU A 363 49.81 0.88 -11.97
N LEU A 364 48.96 0.59 -12.95
CA LEU A 364 47.54 0.44 -12.70
C LEU A 364 47.24 -0.86 -11.96
N LYS A 365 47.61 -1.98 -12.58
CA LYS A 365 47.39 -3.30 -11.99
C LYS A 365 48.04 -3.39 -10.61
N LYS A 366 49.09 -2.61 -10.41
CA LYS A 366 49.77 -2.60 -9.11
C LYS A 366 48.79 -1.97 -8.12
N ARG A 367 48.19 -0.84 -8.50
CA ARG A 367 47.22 -0.13 -7.67
C ARG A 367 45.93 -0.94 -7.48
N ILE A 368 45.46 -1.59 -8.53
CA ILE A 368 44.25 -2.41 -8.41
C ILE A 368 44.46 -3.56 -7.42
N ASP A 369 45.54 -4.33 -7.61
CA ASP A 369 45.87 -5.45 -6.72
C ASP A 369 46.01 -4.92 -5.31
N SER A 370 46.38 -3.65 -5.22
CA SER A 370 46.56 -2.97 -3.95
C SER A 370 45.31 -2.98 -3.09
N VAL A 371 44.15 -2.95 -3.73
CA VAL A 371 42.88 -2.91 -3.01
C VAL A 371 42.10 -4.21 -2.90
N GLU A 372 42.59 -5.27 -3.53
CA GLU A 372 41.93 -6.58 -3.49
C GLU A 372 41.44 -6.92 -2.09
N PRO A 373 42.26 -6.64 -1.07
CA PRO A 373 41.85 -6.94 0.30
C PRO A 373 40.66 -6.09 0.77
N GLU A 374 40.53 -4.89 0.22
CA GLU A 374 39.44 -4.01 0.59
C GLU A 374 38.14 -4.52 -0.03
N PHE A 375 38.20 -4.91 -1.29
CA PHE A 375 37.01 -5.42 -1.96
C PHE A 375 36.47 -6.64 -1.24
N ASN A 376 37.33 -7.60 -0.94
CA ASN A 376 36.88 -8.79 -0.24
C ASN A 376 36.15 -8.38 1.03
N LYS A 377 36.64 -7.35 1.72
CA LYS A 377 35.99 -6.87 2.94
C LYS A 377 34.55 -6.46 2.64
N LEU A 378 34.37 -5.77 1.51
CA LEU A 378 33.04 -5.34 1.13
C LEU A 378 32.18 -6.58 1.01
N THR A 379 32.75 -7.62 0.43
CA THR A 379 32.03 -8.88 0.27
C THR A 379 31.78 -9.51 1.64
N GLY A 380 32.57 -9.09 2.61
CA GLY A 380 32.40 -9.58 3.96
C GLY A 380 31.13 -9.01 4.54
N ILE A 381 30.80 -7.78 4.12
CA ILE A 381 29.58 -7.13 4.58
C ILE A 381 28.42 -7.79 3.86
N ARG A 382 28.59 -8.00 2.55
CA ARG A 382 27.55 -8.60 1.73
C ARG A 382 27.19 -9.98 2.25
N ASP A 383 28.11 -10.58 2.99
CA ASP A 383 27.88 -11.91 3.55
C ASP A 383 27.44 -11.82 5.00
N GLU A 384 28.09 -10.96 5.76
CA GLU A 384 27.74 -10.76 7.16
C GLU A 384 26.28 -10.31 7.30
N PHE A 385 25.81 -9.47 6.38
CA PHE A 385 24.44 -8.96 6.43
C PHE A 385 23.43 -9.93 5.84
N GLN A 386 23.85 -10.69 4.84
CA GLN A 386 22.96 -11.66 4.24
C GLN A 386 22.61 -12.72 5.28
N LYS A 387 23.61 -13.15 6.05
CA LYS A 387 23.37 -14.14 7.10
C LYS A 387 22.24 -13.60 7.95
N GLU A 388 22.54 -12.54 8.70
CA GLU A 388 21.56 -11.91 9.58
C GLU A 388 20.19 -11.79 8.92
N ILE A 389 20.18 -11.41 7.65
CA ILE A 389 18.92 -11.29 6.97
C ILE A 389 18.18 -12.61 7.07
N ILE A 390 18.84 -13.69 6.65
CA ILE A 390 18.25 -15.03 6.67
C ILE A 390 18.00 -15.63 8.05
N ASN A 391 18.87 -15.35 9.01
CA ASN A 391 18.65 -15.87 10.35
C ASN A 391 17.46 -15.16 10.97
N THR A 392 16.99 -14.11 10.30
CA THR A 392 15.85 -13.35 10.77
C THR A 392 14.58 -13.90 10.12
N ARG A 393 14.67 -14.28 8.86
CA ARG A 393 13.49 -14.83 8.20
C ARG A 393 13.18 -16.14 8.90
N ASP A 394 14.20 -16.97 9.07
CA ASP A 394 14.02 -18.25 9.73
C ASP A 394 13.38 -18.09 11.10
N THR A 395 14.00 -17.30 11.95
CA THR A 395 13.45 -17.09 13.28
C THR A 395 12.01 -16.59 13.23
N GLN A 396 11.75 -15.67 12.30
CA GLN A 396 10.40 -15.10 12.19
C GLN A 396 9.40 -16.09 11.58
N ALA A 397 9.73 -16.65 10.42
CA ALA A 397 8.83 -17.61 9.77
C ALA A 397 8.54 -18.81 10.68
N ARG A 398 9.31 -18.94 11.76
CA ARG A 398 9.12 -20.02 12.70
C ARG A 398 8.18 -19.52 13.79
N THR A 399 8.66 -18.56 14.57
CA THR A 399 7.89 -17.99 15.67
C THR A 399 6.46 -17.61 15.29
N ILE A 400 6.25 -17.19 14.05
CA ILE A 400 4.93 -16.79 13.59
C ILE A 400 4.09 -18.02 13.34
N SER A 401 4.63 -18.97 12.57
CA SER A 401 3.95 -20.23 12.27
C SER A 401 3.50 -20.85 13.58
N GLU A 402 4.33 -20.71 14.60
CA GLU A 402 4.01 -21.22 15.92
C GLU A 402 2.79 -20.46 16.41
N SER A 403 2.87 -19.13 16.36
CA SER A 403 1.79 -18.26 16.80
C SER A 403 0.46 -18.60 16.16
N PHE A 404 0.48 -18.83 14.85
CA PHE A 404 -0.72 -19.18 14.14
C PHE A 404 -1.21 -20.56 14.62
N ARG A 405 -0.33 -21.56 14.54
CA ARG A 405 -0.66 -22.92 14.97
C ARG A 405 -1.26 -22.88 16.37
N SER A 406 -0.58 -22.19 17.28
CA SER A 406 -1.07 -22.08 18.64
C SER A 406 -2.44 -21.42 18.70
N TYR A 407 -2.62 -20.36 17.90
CA TYR A 407 -3.87 -19.61 17.85
C TYR A 407 -5.04 -20.44 17.32
N VAL A 408 -4.84 -21.08 16.18
CA VAL A 408 -5.89 -21.91 15.59
C VAL A 408 -6.37 -22.93 16.61
N LEU A 409 -5.44 -23.67 17.20
CA LEU A 409 -5.77 -24.67 18.20
C LEU A 409 -6.60 -24.05 19.31
N ASN A 410 -6.03 -23.05 19.97
CA ASN A 410 -6.72 -22.39 21.06
C ASN A 410 -8.09 -21.83 20.68
N LEU A 411 -8.32 -21.57 19.41
CA LEU A 411 -9.63 -21.03 19.05
C LEU A 411 -10.66 -22.07 19.40
N GLY A 412 -10.25 -23.33 19.37
CA GLY A 412 -11.12 -24.45 19.70
C GLY A 412 -11.59 -24.45 21.15
N ASN A 413 -10.79 -23.88 22.04
CA ASN A 413 -11.15 -23.83 23.44
C ASN A 413 -12.25 -22.82 23.68
N THR A 414 -12.48 -21.93 22.73
CA THR A 414 -13.51 -20.91 22.89
C THR A 414 -14.67 -21.09 21.90
N PHE A 415 -14.49 -21.99 20.94
CA PHE A 415 -15.50 -22.22 19.91
C PHE A 415 -16.94 -22.21 20.39
N GLU A 416 -17.24 -23.00 21.41
CA GLU A 416 -18.60 -23.04 21.93
C GLU A 416 -19.14 -21.63 22.13
N ASN A 417 -18.48 -20.84 22.99
CA ASN A 417 -18.94 -19.49 23.23
C ASN A 417 -19.04 -18.69 21.93
N ASP A 418 -18.04 -18.81 21.08
CA ASP A 418 -18.07 -18.08 19.82
C ASP A 418 -19.24 -18.57 18.97
N PHE A 419 -19.40 -19.88 18.91
CA PHE A 419 -20.46 -20.49 18.12
C PHE A 419 -21.80 -19.87 18.45
N LEU A 420 -21.90 -19.33 19.66
CA LEU A 420 -23.13 -18.69 20.11
C LEU A 420 -23.16 -17.24 19.67
N ARG A 421 -22.09 -16.51 19.98
CA ARG A 421 -21.98 -15.09 19.61
C ARG A 421 -22.33 -14.95 18.14
N TYR A 422 -21.53 -15.59 17.29
CA TYR A 422 -21.80 -15.58 15.86
C TYR A 422 -22.90 -16.63 15.73
N GLN A 423 -23.81 -16.48 14.80
CA GLN A 423 -24.83 -17.50 14.68
C GLN A 423 -24.84 -17.87 13.22
N PRO A 424 -23.81 -18.62 12.81
CA PRO A 424 -23.62 -19.07 11.44
C PRO A 424 -24.93 -19.47 10.82
N GLU A 425 -25.24 -18.86 9.67
CA GLU A 425 -26.47 -19.20 8.98
C GLU A 425 -26.02 -19.99 7.75
N LEU A 426 -26.55 -21.19 7.59
CA LEU A 426 -26.16 -22.00 6.43
C LEU A 426 -27.23 -21.86 5.36
N ASN A 427 -26.80 -21.48 4.15
CA ASN A 427 -27.72 -21.30 3.02
C ASN A 427 -28.15 -22.64 2.48
N LEU A 428 -29.26 -23.17 2.98
CA LEU A 428 -29.74 -24.46 2.55
C LEU A 428 -29.74 -24.66 1.04
N PHE A 429 -29.99 -23.59 0.28
CA PHE A 429 -29.99 -23.74 -1.17
C PHE A 429 -28.58 -24.00 -1.66
N ASP A 430 -27.64 -23.17 -1.22
CA ASP A 430 -26.26 -23.30 -1.62
C ASP A 430 -25.75 -24.70 -1.30
N PHE A 431 -26.06 -25.18 -0.10
CA PHE A 431 -25.62 -26.49 0.36
C PHE A 431 -25.92 -27.58 -0.65
N LEU A 432 -27.20 -27.90 -0.78
CA LEU A 432 -27.66 -28.94 -1.71
C LEU A 432 -27.35 -28.52 -3.13
N SER A 433 -28.20 -27.68 -3.72
CA SER A 433 -28.02 -27.17 -5.08
C SER A 433 -27.17 -28.04 -5.99
N SER A 434 -25.90 -27.68 -6.14
CA SER A 434 -24.96 -28.42 -6.98
C SER A 434 -24.51 -29.73 -6.33
N GLY A 435 -23.19 -29.96 -6.30
CA GLY A 435 -22.67 -31.17 -5.72
C GLY A 435 -21.15 -31.20 -5.58
N LYS A 436 -20.47 -30.34 -6.33
CA LYS A 436 -19.01 -30.28 -6.28
C LYS A 436 -18.58 -30.22 -4.81
N ARG A 437 -17.47 -30.87 -4.48
CA ARG A 437 -16.98 -30.86 -3.10
C ARG A 437 -16.43 -29.45 -2.82
N GLU A 438 -17.11 -28.46 -3.38
CA GLU A 438 -16.75 -27.07 -3.22
C GLU A 438 -18.02 -26.23 -3.05
N ALA A 439 -19.03 -26.49 -3.88
CA ALA A 439 -20.30 -25.76 -3.80
C ALA A 439 -21.00 -26.15 -2.50
N PHE A 440 -20.45 -27.15 -1.83
CA PHE A 440 -20.97 -27.67 -0.59
C PHE A 440 -20.11 -27.14 0.56
N ASN A 441 -18.81 -27.03 0.32
CA ASN A 441 -17.89 -26.52 1.33
C ASN A 441 -17.96 -24.99 1.39
N ALA A 442 -18.16 -24.37 0.24
CA ALA A 442 -18.27 -22.93 0.17
C ALA A 442 -19.47 -22.53 1.00
N ALA A 443 -20.57 -23.25 0.83
CA ALA A 443 -21.79 -22.99 1.57
C ALA A 443 -21.47 -22.88 3.06
N LEU A 444 -20.70 -23.84 3.56
CA LEU A 444 -20.33 -23.87 4.98
C LEU A 444 -19.28 -22.81 5.27
N GLN A 445 -18.46 -22.51 4.27
CA GLN A 445 -17.43 -21.50 4.43
C GLN A 445 -18.10 -20.15 4.62
N LYS A 446 -19.14 -19.90 3.82
CA LYS A 446 -19.87 -18.64 3.88
C LYS A 446 -20.46 -18.50 5.27
N ALA A 447 -21.29 -19.46 5.65
CA ALA A 447 -21.90 -19.44 6.96
C ALA A 447 -20.95 -19.00 8.07
N PHE A 448 -19.65 -19.25 7.91
CA PHE A 448 -18.69 -18.87 8.92
C PHE A 448 -17.86 -17.68 8.51
N GLU A 449 -18.34 -16.92 7.53
CA GLU A 449 -17.60 -15.76 7.02
C GLU A 449 -17.20 -14.73 8.08
N GLN A 450 -18.19 -14.23 8.80
CA GLN A 450 -17.93 -13.24 9.84
C GLN A 450 -16.95 -13.79 10.85
N TYR A 451 -17.19 -15.01 11.31
CA TYR A 451 -16.29 -15.63 12.27
C TYR A 451 -14.86 -15.71 11.71
N ILE A 452 -14.71 -16.23 10.49
CA ILE A 452 -13.38 -16.35 9.89
C ILE A 452 -12.70 -15.00 9.79
N THR A 453 -13.40 -14.03 9.21
CA THR A 453 -12.86 -12.69 9.06
C THR A 453 -12.35 -12.15 10.40
N ASP A 454 -13.24 -12.02 11.37
CA ASP A 454 -12.87 -11.53 12.69
C ASP A 454 -11.63 -12.18 13.26
N LYS A 455 -11.73 -13.47 13.56
CA LYS A 455 -10.62 -14.22 14.14
C LYS A 455 -9.37 -14.04 13.30
N SER A 456 -9.54 -14.15 11.99
CA SER A 456 -8.44 -14.00 11.05
C SER A 456 -7.77 -12.61 11.14
N ALA A 457 -8.57 -11.55 11.02
CA ALA A 457 -8.04 -10.21 11.09
C ALA A 457 -7.31 -9.93 12.38
N ALA A 458 -7.81 -10.48 13.48
CA ALA A 458 -7.18 -10.23 14.76
C ALA A 458 -5.75 -10.77 14.78
N TRP A 459 -5.57 -12.01 14.35
CA TRP A 459 -4.23 -12.57 14.40
C TRP A 459 -3.21 -11.82 13.54
N THR A 460 -3.55 -11.56 12.27
CA THR A 460 -2.61 -10.88 11.38
C THR A 460 -2.18 -9.52 11.92
N LEU A 461 -2.97 -8.93 12.80
CA LEU A 461 -2.56 -7.65 13.35
C LEU A 461 -1.34 -7.96 14.18
N THR A 462 -1.47 -8.99 15.01
CA THR A 462 -0.41 -9.45 15.89
C THR A 462 0.83 -9.87 15.08
N ALA A 463 0.61 -10.60 14.00
CA ALA A 463 1.69 -11.05 13.14
C ALA A 463 2.48 -9.84 12.62
N GLU A 464 1.75 -8.92 11.99
CA GLU A 464 2.34 -7.71 11.43
C GLU A 464 3.16 -6.94 12.46
N LYS A 465 2.62 -6.73 13.66
CA LYS A 465 3.34 -6.00 14.70
C LYS A 465 4.76 -6.54 14.90
N ASP A 466 4.96 -7.82 14.64
CA ASP A 466 6.27 -8.46 14.81
C ASP A 466 7.17 -8.36 13.59
N ILE A 467 6.63 -8.75 12.44
CA ILE A 467 7.37 -8.67 11.18
C ILE A 467 7.90 -7.26 11.08
N ASN A 468 7.09 -6.29 11.52
CA ASN A 468 7.51 -4.90 11.50
C ASN A 468 8.86 -4.79 12.22
N ALA A 469 8.81 -4.94 13.54
CA ALA A 469 10.01 -4.86 14.38
C ALA A 469 11.20 -5.56 13.73
N ALA A 470 10.97 -6.75 13.18
CA ALA A 470 12.04 -7.51 12.52
C ALA A 470 12.75 -6.61 11.50
N PHE A 471 11.97 -6.12 10.53
CA PHE A 471 12.50 -5.24 9.50
C PHE A 471 12.96 -3.93 10.09
N LYS A 472 12.36 -3.49 11.19
CA LYS A 472 12.83 -2.25 11.76
C LYS A 472 14.27 -2.47 12.24
N GLU A 473 14.56 -3.68 12.74
CA GLU A 473 15.91 -4.00 13.20
C GLU A 473 16.87 -4.14 12.02
N LEU A 474 16.50 -4.98 11.07
CA LEU A 474 17.31 -5.18 9.89
C LEU A 474 17.74 -3.83 9.32
N SER A 475 16.86 -2.84 9.39
CA SER A 475 17.14 -1.50 8.90
C SER A 475 18.30 -0.93 9.70
N ARG A 476 18.09 -0.80 11.00
CA ARG A 476 19.11 -0.29 11.90
C ARG A 476 20.42 -1.04 11.62
N SER A 477 20.31 -2.33 11.37
CA SER A 477 21.47 -3.16 11.09
C SER A 477 22.17 -2.69 9.80
N ALA A 478 21.40 -2.57 8.72
CA ALA A 478 21.96 -2.13 7.46
C ALA A 478 22.64 -0.78 7.61
N SER A 479 22.04 0.09 8.43
CA SER A 479 22.61 1.40 8.62
C SER A 479 24.06 1.30 8.99
N GLN A 480 24.34 0.52 10.04
CA GLN A 480 25.71 0.35 10.50
C GLN A 480 26.60 -0.32 9.46
N TYR A 481 26.15 -1.43 8.87
CA TYR A 481 26.97 -2.10 7.87
C TYR A 481 27.27 -1.12 6.75
N GLY A 482 26.32 -0.23 6.49
CA GLY A 482 26.50 0.75 5.45
C GLY A 482 27.60 1.71 5.84
N ALA A 483 27.60 2.15 7.09
CA ALA A 483 28.61 3.07 7.58
C ALA A 483 30.00 2.53 7.37
N SER A 484 30.21 1.26 7.72
CA SER A 484 31.53 0.67 7.55
C SER A 484 31.82 0.45 6.07
N TYR A 485 30.84 -0.03 5.33
CA TYR A 485 30.99 -0.26 3.91
C TYR A 485 31.61 1.00 3.30
N ASN A 486 31.13 2.17 3.74
CA ASN A 486 31.65 3.46 3.25
C ASN A 486 33.12 3.59 3.53
N GLN A 487 33.50 3.37 4.78
CA GLN A 487 34.89 3.46 5.16
C GLN A 487 35.71 2.60 4.20
N ILE A 488 35.39 1.31 4.13
CA ILE A 488 36.12 0.41 3.24
C ILE A 488 36.14 1.01 1.84
N THR A 489 35.06 1.69 1.47
CA THR A 489 35.00 2.30 0.16
C THR A 489 35.92 3.50 0.04
N ASP A 490 35.93 4.36 1.04
CA ASP A 490 36.80 5.52 1.02
C ASP A 490 38.25 5.11 0.77
N GLN A 491 38.70 4.08 1.48
CA GLN A 491 40.06 3.56 1.31
C GLN A 491 40.33 3.13 -0.14
N ILE A 492 39.46 2.31 -0.69
CA ILE A 492 39.63 1.86 -2.07
C ILE A 492 39.93 3.05 -2.99
N THR A 493 39.37 4.20 -2.65
CA THR A 493 39.61 5.40 -3.43
C THR A 493 41.01 5.93 -3.12
N GLU A 494 41.33 6.07 -1.84
CA GLU A 494 42.64 6.57 -1.46
C GLU A 494 43.77 5.70 -2.01
N LYS A 495 43.75 4.41 -1.72
CA LYS A 495 44.78 3.50 -2.22
C LYS A 495 44.83 3.47 -3.75
N LEU A 496 43.81 4.05 -4.38
CA LEU A 496 43.72 4.10 -5.83
C LEU A 496 44.13 5.46 -6.39
N THR A 497 43.54 6.50 -5.81
CA THR A 497 43.74 7.86 -6.23
C THR A 497 44.95 8.55 -5.57
N GLY A 498 45.22 8.16 -4.32
CA GLY A 498 46.34 8.75 -3.60
C GLY A 498 45.80 9.82 -2.67
N LYS A 499 44.88 10.64 -3.18
CA LYS A 499 44.29 11.72 -2.40
C LYS A 499 43.03 11.27 -1.66
N ASP A 500 43.08 11.31 -0.33
CA ASP A 500 41.93 10.89 0.46
C ASP A 500 40.84 11.95 0.52
N VAL A 501 39.76 11.68 -0.20
CA VAL A 501 38.61 12.57 -0.27
C VAL A 501 37.89 12.68 1.08
N GLU A 511 20.34 15.22 4.65
CA GLU A 511 20.02 13.81 4.90
C GLU A 511 21.27 13.00 5.25
N ASP A 512 21.07 11.77 5.73
CA ASP A 512 22.19 10.90 6.08
C ASP A 512 22.83 10.45 4.77
N ASN A 513 24.15 10.32 4.75
CA ASN A 513 24.83 9.92 3.53
C ASN A 513 25.40 8.51 3.55
N SER A 514 24.54 7.52 3.70
CA SER A 514 24.98 6.13 3.70
C SER A 514 25.00 5.64 2.25
N PRO A 515 25.64 4.50 1.98
CA PRO A 515 25.70 3.99 0.61
C PRO A 515 24.32 3.80 0.01
N GLY A 516 24.29 3.53 -1.29
CA GLY A 516 23.03 3.33 -1.97
C GLY A 516 22.27 2.11 -1.50
N TRP A 517 22.84 0.92 -1.67
CA TRP A 517 22.15 -0.29 -1.25
C TRP A 517 21.64 -0.11 0.17
N ALA A 518 22.38 0.64 0.97
CA ALA A 518 21.97 0.89 2.34
C ALA A 518 20.69 1.71 2.40
N LYS A 519 20.53 2.62 1.43
CA LYS A 519 19.35 3.46 1.36
C LYS A 519 18.11 2.63 1.12
N TRP A 520 18.22 1.61 0.29
CA TRP A 520 17.08 0.74 -0.01
C TRP A 520 16.75 -0.20 1.15
N ALA A 521 17.79 -0.76 1.74
CA ALA A 521 17.65 -1.68 2.87
C ALA A 521 17.04 -0.97 4.07
N MET A 522 17.25 0.33 4.17
CA MET A 522 16.70 1.08 5.29
C MET A 522 15.30 1.57 5.02
N GLY A 523 14.86 1.42 3.77
CA GLY A 523 13.52 1.85 3.43
C GLY A 523 13.40 3.36 3.44
N LEU A 524 14.41 4.05 2.91
CA LEU A 524 14.40 5.50 2.83
C LEU A 524 14.08 5.83 1.39
N LEU A 525 14.25 4.83 0.55
CA LEU A 525 14.03 4.96 -0.87
C LEU A 525 13.33 3.71 -1.36
N SER A 526 12.80 3.76 -2.58
CA SER A 526 12.15 2.62 -3.23
C SER A 526 11.42 3.09 -4.46
N LEU A 527 11.39 2.24 -5.48
CA LEU A 527 10.73 2.57 -6.73
C LEU A 527 9.30 2.09 -6.76
N SER A 528 8.91 1.27 -5.78
CA SER A 528 7.55 0.77 -5.69
C SER A 528 6.74 1.64 -4.74
N LYS A 529 5.46 1.84 -5.04
CA LYS A 529 4.62 2.63 -4.16
C LYS A 529 4.57 1.97 -2.78
N GLY A 530 4.61 0.64 -2.77
CA GLY A 530 4.58 -0.10 -1.51
C GLY A 530 5.60 -1.23 -1.45
N ASN A 531 5.76 -1.83 -0.27
CA ASN A 531 6.70 -2.93 -0.05
C ASN A 531 6.27 -3.84 1.08
N LEU A 532 6.96 -4.97 1.25
CA LEU A 532 6.59 -5.93 2.28
C LEU A 532 7.15 -5.74 3.68
N ALA A 533 7.82 -4.61 3.93
CA ALA A 533 8.36 -4.30 5.26
C ALA A 533 7.57 -3.13 5.84
N GLY A 534 7.92 -2.69 7.04
CA GLY A 534 7.18 -1.59 7.64
C GLY A 534 7.58 -0.23 7.13
N PHE A 535 8.34 -0.20 6.04
CA PHE A 535 8.84 1.03 5.44
C PHE A 535 7.74 1.91 4.85
N ALA A 536 7.27 2.85 5.66
CA ALA A 536 6.22 3.77 5.25
C ALA A 536 6.83 5.07 4.75
N LEU A 537 8.17 5.12 4.73
CA LEU A 537 8.89 6.29 4.25
C LEU A 537 9.47 5.95 2.88
N ALA A 538 9.19 4.72 2.43
CA ALA A 538 9.65 4.22 1.15
C ALA A 538 8.52 4.21 0.10
N GLY A 539 8.80 4.80 -1.05
CA GLY A 539 7.81 4.87 -2.10
C GLY A 539 6.61 5.64 -1.61
N ALA A 540 5.42 5.13 -1.93
CA ALA A 540 4.19 5.76 -1.51
C ALA A 540 3.87 5.36 -0.07
N GLY A 541 4.68 4.43 0.46
CA GLY A 541 4.49 3.96 1.82
C GLY A 541 3.61 2.73 1.93
N PHE A 542 2.73 2.56 0.95
CA PHE A 542 1.79 1.45 0.90
C PHE A 542 2.34 0.18 1.58
N ASP A 543 1.51 -0.44 2.41
CA ASP A 543 1.89 -1.67 3.13
C ASP A 543 1.36 -2.93 2.43
N TRP A 544 2.14 -3.48 1.50
CA TRP A 544 1.71 -4.67 0.77
C TRP A 544 1.77 -5.96 1.57
N LYS A 545 2.24 -5.90 2.81
CA LYS A 545 2.30 -7.13 3.60
C LYS A 545 1.00 -7.30 4.38
N ASN A 546 0.07 -6.38 4.20
CA ASN A 546 -1.24 -6.48 4.87
C ASN A 546 -2.12 -7.22 3.88
N ILE A 547 -1.69 -7.16 2.61
CA ILE A 547 -2.40 -7.84 1.52
C ILE A 547 -1.98 -9.30 1.63
N LEU A 548 -0.73 -9.54 1.25
CA LEU A 548 -0.13 -10.86 1.25
C LEU A 548 -0.38 -11.63 2.56
N LEU A 549 -0.33 -10.95 3.70
CA LEU A 549 -0.53 -11.63 4.98
C LEU A 549 -1.99 -11.88 5.37
N ASN A 550 -2.79 -10.82 5.40
CA ASN A 550 -4.20 -10.93 5.78
C ASN A 550 -5.08 -11.58 4.70
N TYR A 551 -4.45 -12.37 3.85
CA TYR A 551 -5.15 -13.07 2.78
C TYR A 551 -4.86 -14.55 2.95
N PHE A 552 -3.60 -14.87 3.20
CA PHE A 552 -3.19 -16.25 3.42
C PHE A 552 -3.79 -16.73 4.73
N THR A 553 -3.78 -15.86 5.72
CA THR A 553 -4.33 -16.19 7.04
C THR A 553 -5.80 -16.57 6.95
N VAL A 554 -6.51 -15.96 6.02
CA VAL A 554 -7.93 -16.26 5.84
C VAL A 554 -8.03 -17.66 5.23
N ILE A 555 -7.10 -17.98 4.32
CA ILE A 555 -7.10 -19.30 3.72
C ILE A 555 -6.78 -20.31 4.82
N GLY A 556 -5.99 -19.88 5.79
CA GLY A 556 -5.64 -20.74 6.92
C GLY A 556 -6.80 -20.98 7.86
N ILE A 557 -7.29 -19.93 8.52
CA ILE A 557 -8.42 -20.06 9.47
C ILE A 557 -9.65 -20.60 8.74
N GLY A 558 -9.68 -20.46 7.43
CA GLY A 558 -10.81 -20.95 6.65
C GLY A 558 -10.62 -22.42 6.32
N GLY A 559 -9.37 -22.78 6.07
CA GLY A 559 -9.04 -24.16 5.76
C GLY A 559 -9.31 -24.96 7.01
N ILE A 560 -8.94 -24.39 8.15
CA ILE A 560 -9.17 -25.03 9.44
C ILE A 560 -10.63 -25.45 9.47
N ILE A 561 -11.50 -24.54 9.03
CA ILE A 561 -12.94 -24.83 8.97
C ILE A 561 -13.14 -25.88 7.87
N THR A 562 -12.70 -25.57 6.65
CA THR A 562 -12.82 -26.49 5.53
C THR A 562 -12.38 -27.89 5.96
N ALA A 563 -11.51 -27.93 6.97
CA ALA A 563 -10.98 -29.17 7.50
C ALA A 563 -11.93 -29.73 8.55
N VAL A 564 -12.17 -28.97 9.60
CA VAL A 564 -13.06 -29.41 10.67
C VAL A 564 -14.43 -29.72 10.08
N THR A 565 -14.60 -29.35 8.81
CA THR A 565 -15.83 -29.60 8.09
C THR A 565 -15.85 -31.08 7.72
N GLY A 566 -14.88 -31.49 6.90
CA GLY A 566 -14.77 -32.87 6.47
C GLY A 566 -14.55 -33.81 7.65
N ILE A 567 -14.16 -33.25 8.78
CA ILE A 567 -13.93 -34.04 9.98
C ILE A 567 -15.26 -34.44 10.59
N LEU A 568 -16.19 -33.49 10.62
CA LEU A 568 -17.51 -33.71 11.22
C LEU A 568 -18.63 -34.17 10.31
N LEU A 569 -18.44 -34.10 9.00
CA LEU A 569 -19.49 -34.55 8.09
C LEU A 569 -19.96 -35.95 8.47
N GLY A 570 -19.04 -36.90 8.42
CA GLY A 570 -19.36 -38.27 8.77
C GLY A 570 -20.16 -38.41 10.05
N PRO A 571 -19.66 -37.90 11.19
CA PRO A 571 -20.40 -38.01 12.45
C PRO A 571 -21.81 -37.41 12.35
N ILE A 572 -21.91 -36.32 11.60
CA ILE A 572 -23.20 -35.66 11.44
C ILE A 572 -24.10 -36.53 10.57
N GLY A 573 -23.65 -36.80 9.35
CA GLY A 573 -24.43 -37.62 8.45
C GLY A 573 -24.97 -38.85 9.16
N PHE A 574 -24.13 -39.45 9.99
CA PHE A 574 -24.53 -40.61 10.75
C PHE A 574 -25.75 -40.25 11.59
N ALA A 575 -25.61 -39.25 12.45
CA ALA A 575 -26.72 -38.82 13.29
C ALA A 575 -27.96 -38.48 12.48
N LEU A 576 -27.78 -37.70 11.43
CA LEU A 576 -28.91 -37.32 10.60
C LEU A 576 -29.60 -38.56 10.06
N LEU A 577 -28.81 -39.44 9.45
CA LEU A 577 -29.29 -40.70 8.87
C LEU A 577 -29.88 -41.65 9.91
N GLY A 578 -29.18 -41.80 11.03
CA GLY A 578 -29.66 -42.68 12.07
C GLY A 578 -30.89 -42.13 12.79
N LEU A 579 -31.52 -41.14 12.18
CA LEU A 579 -32.71 -40.54 12.78
C LEU A 579 -33.85 -40.61 11.78
N GLY A 580 -33.55 -40.29 10.53
CA GLY A 580 -34.55 -40.33 9.49
C GLY A 580 -34.99 -41.74 9.12
N VAL A 581 -34.42 -42.73 9.81
CA VAL A 581 -34.75 -44.14 9.56
C VAL A 581 -35.27 -44.78 10.84
N GLY A 582 -35.02 -44.15 11.97
CA GLY A 582 -35.53 -44.67 13.23
C GLY A 582 -34.63 -45.55 14.06
N PHE A 583 -33.36 -45.62 13.72
CA PHE A 583 -32.45 -46.45 14.49
C PHE A 583 -32.03 -45.68 15.75
N LEU A 584 -32.02 -44.35 15.63
CA LEU A 584 -31.66 -43.47 16.74
C LEU A 584 -32.83 -42.54 17.07
N GLN A 585 -33.12 -42.39 18.35
CA GLN A 585 -34.20 -41.53 18.80
C GLN A 585 -33.72 -40.10 19.03
N ALA A 586 -34.65 -39.24 19.42
CA ALA A 586 -34.30 -37.84 19.66
C ALA A 586 -33.37 -37.72 20.86
N ASP A 587 -32.40 -36.81 20.76
CA ASP A 587 -31.43 -36.57 21.83
C ASP A 587 -30.64 -37.81 22.23
N GLN A 588 -30.58 -38.80 21.34
CA GLN A 588 -29.81 -40.00 21.60
C GLN A 588 -28.56 -39.86 20.77
N ALA A 589 -28.75 -39.31 19.57
CA ALA A 589 -27.67 -39.08 18.62
C ALA A 589 -26.82 -37.90 19.02
N ARG A 590 -27.41 -36.95 19.76
CA ARG A 590 -26.67 -35.78 20.18
C ARG A 590 -25.71 -36.02 21.34
N ARG A 591 -25.93 -37.08 22.09
CA ARG A 591 -25.01 -37.38 23.17
C ARG A 591 -23.88 -38.16 22.52
N GLU A 592 -24.03 -38.40 21.22
CA GLU A 592 -23.05 -39.12 20.43
C GLU A 592 -22.35 -38.18 19.43
N LEU A 593 -23.13 -37.38 18.73
CA LEU A 593 -22.55 -36.45 17.75
C LEU A 593 -21.40 -35.75 18.47
N VAL A 594 -21.64 -35.39 19.72
CA VAL A 594 -20.64 -34.75 20.56
C VAL A 594 -19.53 -35.75 20.83
N LYS A 595 -19.90 -36.88 21.43
CA LYS A 595 -18.95 -37.94 21.73
C LYS A 595 -17.99 -38.08 20.54
N THR A 596 -18.56 -38.08 19.35
CA THR A 596 -17.78 -38.23 18.12
C THR A 596 -16.99 -36.95 17.82
N ALA A 597 -17.66 -35.81 17.83
CA ALA A 597 -16.99 -34.55 17.56
C ALA A 597 -15.71 -34.49 18.38
N LYS A 598 -15.83 -34.11 19.65
CA LYS A 598 -14.70 -34.01 20.55
C LYS A 598 -13.63 -35.06 20.24
N LYS A 599 -14.05 -36.31 20.03
CA LYS A 599 -13.13 -37.39 19.71
C LYS A 599 -12.31 -37.06 18.47
N GLU A 600 -12.98 -36.78 17.37
CA GLU A 600 -12.32 -36.48 16.10
C GLU A 600 -11.46 -35.22 16.12
N LEU A 601 -11.98 -34.16 16.70
CA LEU A 601 -11.23 -32.91 16.77
C LEU A 601 -9.91 -33.07 17.50
N VAL A 602 -9.97 -33.47 18.77
CA VAL A 602 -8.76 -33.68 19.55
C VAL A 602 -7.88 -34.72 18.86
N LYS A 603 -8.45 -35.37 17.86
CA LYS A 603 -7.76 -36.40 17.09
C LYS A 603 -7.12 -35.87 15.81
N HIS A 604 -7.49 -34.67 15.40
CA HIS A 604 -6.93 -34.12 14.17
C HIS A 604 -6.60 -32.63 14.17
N LEU A 605 -7.45 -31.83 14.80
CA LEU A 605 -7.23 -30.39 14.83
C LEU A 605 -5.75 -30.03 14.97
N PRO A 606 -5.05 -30.58 15.98
CA PRO A 606 -3.64 -30.23 16.11
C PRO A 606 -2.85 -30.53 14.85
N GLN A 607 -3.19 -31.59 14.15
CA GLN A 607 -2.44 -31.90 12.96
C GLN A 607 -2.83 -30.94 11.85
N VAL A 608 -4.12 -30.70 11.66
CA VAL A 608 -4.56 -29.77 10.61
C VAL A 608 -4.04 -28.37 10.87
N ALA A 609 -4.02 -27.97 12.14
CA ALA A 609 -3.51 -26.65 12.48
C ALA A 609 -2.10 -26.63 11.90
N HIS A 610 -1.24 -27.50 12.41
CA HIS A 610 0.13 -27.61 11.96
C HIS A 610 0.28 -27.62 10.45
N GLU A 611 -0.55 -28.43 9.79
CA GLU A 611 -0.50 -28.53 8.34
C GLU A 611 -0.82 -27.18 7.70
N GLN A 612 -1.78 -26.48 8.29
CA GLN A 612 -2.19 -25.17 7.79
C GLN A 612 -1.16 -24.08 8.10
N SER A 613 -0.63 -24.10 9.32
CA SER A 613 0.36 -23.10 9.71
C SER A 613 1.61 -23.20 8.84
N GLN A 614 1.55 -24.01 7.79
CA GLN A 614 2.68 -24.17 6.89
C GLN A 614 2.53 -23.27 5.68
N VAL A 615 1.38 -22.60 5.56
CA VAL A 615 1.17 -21.67 4.46
C VAL A 615 1.66 -20.33 4.99
N VAL A 616 1.34 -20.08 6.26
CA VAL A 616 1.75 -18.87 6.95
C VAL A 616 3.27 -18.85 7.01
N TYR A 617 3.88 -20.04 7.03
CA TYR A 617 5.33 -20.12 7.07
C TYR A 617 5.86 -19.53 5.78
N ASN A 618 5.37 -20.06 4.67
CA ASN A 618 5.80 -19.59 3.35
C ASN A 618 5.59 -18.11 3.12
N ALA A 619 4.57 -17.54 3.74
CA ALA A 619 4.30 -16.13 3.57
C ALA A 619 5.33 -15.28 4.30
N VAL A 620 5.67 -15.66 5.52
CA VAL A 620 6.65 -14.89 6.28
C VAL A 620 8.04 -15.12 5.68
N LYS A 621 8.30 -16.31 5.15
CA LYS A 621 9.60 -16.55 4.56
C LYS A 621 9.70 -15.69 3.32
N GLU A 622 8.60 -15.58 2.57
CA GLU A 622 8.60 -14.78 1.37
C GLU A 622 8.97 -13.31 1.67
N CYS A 623 8.23 -12.70 2.57
CA CYS A 623 8.49 -11.31 2.95
C CYS A 623 9.97 -11.03 3.04
N PHE A 624 10.68 -11.86 3.81
CA PHE A 624 12.12 -11.69 4.01
C PHE A 624 12.98 -12.18 2.87
N ASP A 625 12.40 -12.93 1.95
CA ASP A 625 13.22 -13.40 0.84
C ASP A 625 13.21 -12.32 -0.23
N SER A 626 12.12 -11.55 -0.29
CA SER A 626 12.06 -10.49 -1.29
C SER A 626 13.13 -9.49 -0.90
N TYR A 627 13.08 -9.08 0.36
CA TYR A 627 14.03 -8.13 0.93
C TYR A 627 15.46 -8.59 0.72
N GLU A 628 15.76 -9.82 1.07
CA GLU A 628 17.10 -10.33 0.88
C GLU A 628 17.45 -10.31 -0.60
N ARG A 629 16.56 -10.82 -1.45
CA ARG A 629 16.83 -10.84 -2.88
C ARG A 629 17.27 -9.46 -3.40
N GLU A 630 16.52 -8.41 -3.03
CA GLU A 630 16.83 -7.03 -3.46
C GLU A 630 18.10 -6.49 -2.84
N VAL A 631 18.14 -6.41 -1.52
CA VAL A 631 19.33 -5.92 -0.85
C VAL A 631 20.56 -6.63 -1.43
N SER A 632 20.43 -7.91 -1.73
CA SER A 632 21.56 -8.63 -2.29
C SER A 632 21.99 -8.01 -3.62
N LYS A 633 21.05 -7.98 -4.56
CA LYS A 633 21.28 -7.42 -5.89
C LYS A 633 22.04 -6.12 -5.80
N ARG A 634 21.45 -5.18 -5.07
CA ARG A 634 22.07 -3.89 -4.93
C ARG A 634 23.46 -3.94 -4.34
N ILE A 635 23.71 -4.82 -3.37
CA ILE A 635 25.08 -4.86 -2.84
C ILE A 635 26.05 -5.49 -3.84
N ASN A 636 25.70 -6.64 -4.41
CA ASN A 636 26.63 -7.23 -5.39
C ASN A 636 26.80 -6.23 -6.53
N ASP A 637 25.70 -5.59 -6.89
CA ASP A 637 25.70 -4.62 -7.97
C ASP A 637 26.72 -3.51 -7.71
N ASP A 638 26.85 -3.11 -6.44
CA ASP A 638 27.81 -2.07 -6.10
C ASP A 638 29.20 -2.64 -6.28
N ILE A 639 29.49 -3.72 -5.56
CA ILE A 639 30.77 -4.38 -5.64
C ILE A 639 31.18 -4.56 -7.11
N VAL A 640 30.38 -5.30 -7.86
CA VAL A 640 30.72 -5.55 -9.24
C VAL A 640 31.01 -4.33 -10.11
N SER A 641 30.24 -3.25 -9.95
CA SER A 641 30.48 -2.06 -10.76
C SER A 641 31.79 -1.36 -10.39
N ARG A 642 32.03 -1.15 -9.10
CA ARG A 642 33.25 -0.49 -8.68
C ARG A 642 34.46 -1.24 -9.23
N LYS A 643 34.35 -2.55 -9.32
CA LYS A 643 35.44 -3.37 -9.83
C LYS A 643 35.60 -3.19 -11.35
N SER A 644 34.49 -3.26 -12.08
CA SER A 644 34.53 -3.09 -13.54
C SER A 644 35.06 -1.72 -13.88
N GLU A 645 34.78 -0.77 -13.01
CA GLU A 645 35.24 0.60 -13.16
C GLU A 645 36.73 0.56 -13.45
N LEU A 646 37.42 -0.27 -12.68
CA LEU A 646 38.87 -0.46 -12.81
C LEU A 646 39.24 -1.38 -13.95
N ASP A 647 38.53 -2.49 -14.09
CA ASP A 647 38.85 -3.42 -15.16
C ASP A 647 38.72 -2.84 -16.55
N ASN A 648 37.62 -2.13 -16.82
CA ASN A 648 37.44 -1.54 -18.14
C ASN A 648 38.60 -0.65 -18.59
N LEU A 649 39.21 0.06 -17.65
CA LEU A 649 40.35 0.93 -17.96
C LEU A 649 41.44 0.06 -18.55
N VAL A 650 41.89 -0.92 -17.77
CA VAL A 650 42.91 -1.84 -18.24
C VAL A 650 42.52 -2.43 -19.61
N LYS A 651 41.31 -2.96 -19.73
CA LYS A 651 40.86 -3.55 -21.00
C LYS A 651 41.11 -2.61 -22.17
N GLN A 652 41.24 -1.32 -21.89
CA GLN A 652 41.45 -0.34 -22.94
C GLN A 652 42.92 0.01 -23.09
N LYS A 653 43.60 0.27 -21.97
CA LYS A 653 45.00 0.63 -21.98
C LYS A 653 45.83 -0.40 -22.75
N GLN A 654 45.31 -1.62 -22.82
CA GLN A 654 45.98 -2.72 -23.50
C GLN A 654 45.42 -2.94 -24.90
N THR A 655 44.26 -2.37 -25.18
CA THR A 655 43.62 -2.56 -26.48
C THR A 655 43.56 -1.35 -27.40
N ARG A 656 42.93 -0.28 -26.98
CA ARG A 656 42.84 0.92 -27.80
C ARG A 656 43.88 1.91 -27.33
N GLU A 657 43.80 3.12 -27.87
CA GLU A 657 44.68 4.18 -27.46
C GLU A 657 43.75 5.39 -27.38
N ILE A 658 43.64 5.96 -26.18
CA ILE A 658 42.74 7.08 -25.94
C ILE A 658 43.48 8.41 -25.94
N ASN A 659 42.80 9.49 -26.28
CA ASN A 659 43.44 10.80 -26.22
C ASN A 659 43.14 11.29 -24.82
N ARG A 660 44.09 11.11 -23.92
CA ARG A 660 43.92 11.49 -22.52
C ARG A 660 43.33 12.86 -22.22
N GLU A 661 43.63 13.86 -23.03
CA GLU A 661 43.07 15.16 -22.72
C GLU A 661 41.63 15.27 -23.20
N SER A 662 41.31 14.61 -24.32
CA SER A 662 39.95 14.62 -24.80
C SER A 662 39.08 13.81 -23.86
N GLU A 663 39.65 12.75 -23.31
CA GLU A 663 38.88 11.95 -22.37
C GLU A 663 38.58 12.84 -21.19
N PHE A 664 39.57 13.61 -20.76
CA PHE A 664 39.39 14.49 -19.62
C PHE A 664 38.20 15.41 -19.78
N ASN A 665 38.09 16.07 -20.92
CA ASN A 665 36.96 16.97 -21.14
C ASN A 665 35.65 16.20 -21.17
N ARG A 666 35.64 15.12 -21.94
CA ARG A 666 34.46 14.30 -22.07
C ARG A 666 33.93 13.91 -20.68
N LEU A 667 34.81 13.43 -19.82
CA LEU A 667 34.40 13.04 -18.48
C LEU A 667 34.13 14.23 -17.57
N LYS A 668 34.89 15.31 -17.73
CA LYS A 668 34.68 16.50 -16.92
C LYS A 668 33.29 17.00 -17.30
N ASN A 669 33.01 16.94 -18.60
CA ASN A 669 31.73 17.33 -19.13
C ASN A 669 30.62 16.47 -18.50
N LEU A 670 30.79 15.15 -18.55
CA LEU A 670 29.83 14.22 -17.98
C LEU A 670 29.43 14.71 -16.59
N GLN A 671 30.47 14.88 -15.77
CA GLN A 671 30.32 15.35 -14.41
C GLN A 671 29.46 16.62 -14.27
N GLU A 672 29.77 17.66 -15.05
CA GLU A 672 29.01 18.92 -15.01
C GLU A 672 27.55 18.69 -15.37
N ASP A 673 27.35 18.09 -16.53
CA ASP A 673 26.02 17.83 -17.04
C ASP A 673 25.13 17.13 -16.02
N VAL A 674 25.64 16.11 -15.35
CA VAL A 674 24.82 15.43 -14.37
C VAL A 674 24.52 16.37 -13.20
N ILE A 675 25.57 16.91 -12.58
CA ILE A 675 25.37 17.84 -11.46
C ILE A 675 24.37 18.93 -11.83
N ALA A 676 24.50 19.45 -13.06
CA ALA A 676 23.59 20.48 -13.53
C ALA A 676 22.15 20.01 -13.36
N GLN A 677 21.88 18.80 -13.81
CA GLN A 677 20.53 18.24 -13.70
C GLN A 677 20.08 18.04 -12.25
N LEU A 678 20.98 17.56 -11.40
CA LEU A 678 20.68 17.34 -10.00
C LEU A 678 20.23 18.64 -9.36
N GLN A 679 20.95 19.74 -9.65
CA GLN A 679 20.64 21.05 -9.08
C GLN A 679 19.24 21.55 -9.42
N LYS A 680 18.84 21.37 -10.68
CA LYS A 680 17.51 21.80 -11.11
C LYS A 680 16.47 21.10 -10.25
N ILE A 681 16.70 19.83 -9.99
CA ILE A 681 15.83 19.00 -9.17
C ILE A 681 15.91 19.50 -7.75
N GLU A 682 17.13 19.61 -7.25
CA GLU A 682 17.30 20.07 -5.87
C GLU A 682 16.56 21.38 -5.69
N ALA A 683 16.47 22.17 -6.76
CA ALA A 683 15.79 23.47 -6.71
C ALA A 683 14.28 23.32 -6.60
N ALA A 684 13.71 22.68 -7.63
CA ALA A 684 12.28 22.40 -7.71
C ALA A 684 11.74 21.99 -6.36
N TYR A 685 12.49 21.12 -5.70
CA TYR A 685 12.14 20.61 -4.40
C TYR A 685 12.16 21.74 -3.38
N SER A 686 13.31 22.39 -3.26
CA SER A 686 13.49 23.48 -2.31
C SER A 686 12.48 24.60 -2.49
N ASN A 687 12.25 24.97 -3.74
CA ASN A 687 11.31 26.03 -4.03
C ASN A 687 9.94 25.66 -3.56
N LEU A 688 9.42 24.52 -4.04
CA LEU A 688 8.09 24.06 -3.65
C LEU A 688 7.95 24.07 -2.13
N LEU A 689 9.02 23.68 -1.44
CA LEU A 689 9.01 23.68 0.02
C LEU A 689 8.92 25.09 0.54
N ALA A 690 9.81 25.94 0.06
CA ALA A 690 9.85 27.33 0.49
C ALA A 690 8.51 28.00 0.22
N TYR A 691 7.89 27.70 -0.91
CA TYR A 691 6.61 28.32 -1.18
C TYR A 691 5.69 28.05 0.00
N TYR A 692 5.73 26.83 0.53
CA TYR A 692 4.91 26.44 1.66
C TYR A 692 5.32 27.22 2.90
N SER A 693 6.59 27.60 3.00
CA SER A 693 7.08 28.36 4.16
C SER A 693 6.32 29.67 4.32
N HIS A 694 5.83 30.18 3.21
CA HIS A 694 5.12 31.45 3.24
C HIS A 694 3.62 31.31 3.05
N HIS A 695 3.08 30.11 3.27
CA HIS A 695 1.64 29.87 3.11
C HIS A 695 1.09 28.83 4.08
#